data_5I33
#
_entry.id   5I33
#
_cell.length_a   58.083
_cell.length_b   101.040
_cell.length_c   163.845
_cell.angle_alpha   90.00
_cell.angle_beta   90.00
_cell.angle_gamma   90.00
#
_symmetry.space_group_name_H-M   'P 21 21 21'
#
loop_
_entity.id
_entity.type
_entity.pdbx_description
1 polymer 'Adenylosuccinate synthetase'
2 water water
#
_entity_poly.entity_id   1
_entity_poly.type   'polypeptide(L)'
_entity_poly.pdbx_seq_one_letter_code
;RGSHHHHHHGSMAPSPEGVTVVLGAQWGDEGKGKLVDILAAEADICARCAGGNNAGHTIVVRNDKGEKTSYAFNLLPSGL
INPECTAFIGSGVVVHVPSLFNELDTLERKGLKVAGRLLVSDRAHLVMGFHQIVDGLKEVELGGSSIGTTRKGIGPAYSS
KASRSGLRVHHLFDPTFPAKFRKLVEGRFKRYGHFEFDTEGEIEMYLAFAERLRPFIVDGPTFMHNALSSGKRVLVEGAN
ALMLDLDYGTYPFVTSSSTSIGGVVSGLGISPFAIKRVVGVIKAYTTRVGGGPFPTEDLATVGETLQEVGAEYGTVTGRR
RRCGWLDLVVMKYSTMINGYTSLNLTKLDVLDGFEEIKVATGYKIDGVEVEGFPADLDRLAKVEVQYATLPGWKTDISNC
KTYEEFPENAKAYIKFIEDYLGVKVQYVGVGPGRDQNVIIF
;
_entity_poly.pdbx_strand_id   A,B
#
# COMPACT_ATOMS: atom_id res chain seq x y z
N PRO A 16 12.74 8.84 17.25
CA PRO A 16 12.77 9.08 15.80
C PRO A 16 11.60 9.95 15.32
N GLU A 17 11.83 11.23 15.03
CA GLU A 17 10.78 12.04 14.39
C GLU A 17 10.40 11.38 13.07
N GLY A 18 9.09 11.25 12.83
CA GLY A 18 8.62 10.53 11.67
C GLY A 18 7.88 9.27 12.10
N VAL A 19 7.87 8.25 11.25
CA VAL A 19 7.00 7.12 11.52
C VAL A 19 7.74 5.86 11.97
N THR A 20 7.33 5.38 13.14
CA THR A 20 7.77 4.09 13.65
C THR A 20 6.60 3.14 13.47
N VAL A 21 6.86 2.00 12.84
CA VAL A 21 5.83 1.01 12.56
C VAL A 21 6.07 -0.32 13.31
N VAL A 22 5.01 -0.89 13.87
CA VAL A 22 5.08 -2.23 14.50
C VAL A 22 4.27 -3.24 13.70
N LEU A 23 4.94 -4.23 13.12
CA LEU A 23 4.25 -5.21 12.28
C LEU A 23 4.41 -6.66 12.80
N GLY A 24 3.31 -7.40 12.79
CA GLY A 24 3.36 -8.83 13.05
C GLY A 24 4.07 -9.53 11.90
N ALA A 25 4.97 -10.46 12.23
CA ALA A 25 5.86 -11.02 11.22
C ALA A 25 5.41 -12.38 10.68
N GLN A 26 4.58 -13.09 11.44
CA GLN A 26 4.17 -14.47 11.12
C GLN A 26 2.68 -14.53 10.75
N TRP A 27 1.89 -15.39 11.41
CA TRP A 27 0.45 -15.44 11.13
C TRP A 27 -0.38 -14.83 12.23
N GLY A 28 0.20 -13.90 12.98
CA GLY A 28 -0.56 -13.16 13.97
C GLY A 28 -0.42 -13.70 15.37
N ASP A 29 -0.99 -12.98 16.33
CA ASP A 29 -0.92 -13.36 17.74
C ASP A 29 0.53 -13.48 18.23
N GLU A 30 1.41 -12.63 17.74
CA GLU A 30 2.80 -12.69 18.19
C GLU A 30 2.93 -12.04 19.57
N GLY A 31 1.92 -11.28 19.97
CA GLY A 31 1.91 -10.58 21.24
C GLY A 31 2.57 -9.22 21.10
N LYS A 32 2.15 -8.42 20.12
CA LYS A 32 2.82 -7.15 19.85
C LYS A 32 2.49 -6.06 20.89
N GLY A 33 1.50 -6.32 21.74
CA GLY A 33 1.05 -5.36 22.72
C GLY A 33 2.07 -4.73 23.65
N LYS A 34 2.96 -5.54 24.22
CA LYS A 34 3.95 -5.02 25.15
C LYS A 34 4.90 -4.08 24.41
N LEU A 35 5.22 -4.43 23.17
CA LEU A 35 6.09 -3.56 22.38
C LEU A 35 5.40 -2.21 22.11
N VAL A 36 4.14 -2.25 21.68
CA VAL A 36 3.38 -1.04 21.41
C VAL A 36 3.33 -0.17 22.66
N ASP A 37 3.03 -0.82 23.78
CA ASP A 37 2.99 -0.17 25.09
C ASP A 37 4.33 0.50 25.38
N ILE A 38 5.43 -0.21 25.13
CA ILE A 38 6.76 0.36 25.29
C ILE A 38 6.98 1.57 24.37
N LEU A 39 6.58 1.46 23.11
CA LEU A 39 6.80 2.54 22.14
C LEU A 39 5.81 3.70 22.26
N ALA A 40 4.60 3.42 22.71
CA ALA A 40 3.56 4.43 22.80
C ALA A 40 3.93 5.51 23.82
N ALA A 41 4.76 5.15 24.80
CA ALA A 41 5.20 6.06 25.85
C ALA A 41 6.10 7.17 25.30
N GLU A 42 6.68 6.91 24.14
CA GLU A 42 7.51 7.90 23.47
C GLU A 42 6.87 8.37 22.14
N ALA A 43 5.55 8.23 22.03
CA ALA A 43 4.83 8.58 20.81
C ALA A 43 3.80 9.70 21.03
N ASP A 44 3.77 10.67 20.13
CA ASP A 44 2.76 11.75 20.17
C ASP A 44 1.43 11.28 19.61
N ILE A 45 1.51 10.51 18.52
CA ILE A 45 0.34 10.00 17.85
C ILE A 45 0.47 8.49 17.66
N CYS A 46 -0.62 7.77 17.88
CA CYS A 46 -0.69 6.32 17.63
C CYS A 46 -1.77 6.02 16.61
N ALA A 47 -1.43 5.26 15.58
CA ALA A 47 -2.31 5.17 14.44
C ALA A 47 -2.57 3.74 13.99
N ARG A 48 -3.80 3.51 13.54
CA ARG A 48 -4.16 2.34 12.73
C ARG A 48 -4.27 2.79 11.28
N CYS A 49 -3.66 2.03 10.36
CA CYS A 49 -3.55 2.44 8.97
C CYS A 49 -4.45 1.64 8.03
N ALA A 50 -4.72 0.39 8.42
CA ALA A 50 -5.45 -0.56 7.58
C ALA A 50 -6.11 -1.67 8.41
N GLY A 51 -6.99 -2.44 7.77
CA GLY A 51 -7.66 -3.57 8.42
C GLY A 51 -8.91 -3.11 9.17
N GLY A 52 -9.53 -4.03 9.89
CA GLY A 52 -10.76 -3.75 10.64
C GLY A 52 -10.61 -3.94 12.13
N ASN A 53 -11.71 -4.30 12.79
CA ASN A 53 -11.69 -4.63 14.21
C ASN A 53 -11.49 -6.15 14.37
N ASN A 54 -10.31 -6.58 13.96
CA ASN A 54 -10.01 -7.97 13.69
C ASN A 54 -8.81 -8.52 14.46
N ALA A 55 -8.22 -7.69 15.31
CA ALA A 55 -6.99 -8.05 16.00
C ALA A 55 -7.12 -7.83 17.50
N GLY A 56 -8.10 -8.50 18.10
CA GLY A 56 -8.35 -8.40 19.53
C GLY A 56 -7.08 -8.58 20.34
N HIS A 57 -6.85 -7.64 21.25
CA HIS A 57 -5.62 -7.60 22.01
C HIS A 57 -5.77 -6.73 23.28
N THR A 58 -5.05 -7.08 24.35
CA THR A 58 -5.21 -6.43 25.65
C THR A 58 -3.90 -5.96 26.31
N ILE A 59 -4.00 -4.93 27.16
CA ILE A 59 -2.87 -4.46 27.95
C ILE A 59 -3.25 -4.41 29.43
N VAL A 60 -2.35 -4.89 30.29
CA VAL A 60 -2.61 -4.93 31.73
C VAL A 60 -1.72 -3.90 32.46
N VAL A 61 -2.34 -3.12 33.36
CA VAL A 61 -1.58 -2.10 34.10
C VAL A 61 -1.92 -2.13 35.60
N ARG A 62 -0.96 -1.71 36.42
CA ARG A 62 -1.22 -1.57 37.86
C ARG A 62 -2.03 -0.33 38.21
N GLU A 67 -4.93 -5.17 42.17
CA GLU A 67 -4.15 -4.05 41.63
C GLU A 67 -3.79 -4.20 40.17
N LYS A 68 -4.66 -4.88 39.41
CA LYS A 68 -4.46 -5.03 37.98
C LYS A 68 -5.76 -4.84 37.20
N THR A 69 -5.62 -4.22 36.02
CA THR A 69 -6.73 -3.74 35.23
C THR A 69 -6.41 -3.89 33.74
N SER A 70 -7.29 -4.57 33.00
CA SER A 70 -6.99 -4.95 31.62
C SER A 70 -7.79 -4.16 30.60
N TYR A 71 -7.09 -3.65 29.60
CA TYR A 71 -7.70 -2.82 28.58
C TYR A 71 -7.72 -3.52 27.23
N ALA A 72 -8.91 -3.76 26.69
CA ALA A 72 -9.05 -4.44 25.40
C ALA A 72 -9.04 -3.42 24.26
N PHE A 73 -8.13 -3.60 23.30
CA PHE A 73 -8.09 -2.75 22.12
C PHE A 73 -8.33 -3.60 20.89
N ASN A 74 -9.14 -3.08 19.98
CA ASN A 74 -9.56 -3.84 18.81
C ASN A 74 -9.43 -2.99 17.55
N LEU A 75 -10.25 -1.93 17.48
CA LEU A 75 -10.17 -0.94 16.41
C LEU A 75 -9.26 0.23 16.82
N LEU A 76 -9.35 0.60 18.10
CA LEU A 76 -8.59 1.73 18.62
C LEU A 76 -7.14 1.37 18.87
N PRO A 77 -6.21 2.29 18.56
CA PRO A 77 -4.79 2.10 18.87
C PRO A 77 -4.59 1.87 20.36
N SER A 78 -3.88 0.80 20.70
CA SER A 78 -3.59 0.49 22.10
C SER A 78 -2.57 1.47 22.65
N GLY A 79 -2.04 2.32 21.77
CA GLY A 79 -1.14 3.39 22.18
C GLY A 79 -1.84 4.37 23.09
N LEU A 80 -3.18 4.30 23.12
CA LEU A 80 -3.99 5.12 24.01
C LEU A 80 -3.69 4.86 25.49
N ILE A 81 -3.01 3.75 25.78
CA ILE A 81 -2.62 3.41 27.15
C ILE A 81 -1.70 4.49 27.72
N ASN A 82 -0.91 5.14 26.86
CA ASN A 82 -0.23 6.40 27.23
C ASN A 82 -1.21 7.57 27.16
N PRO A 83 -1.51 8.17 28.33
CA PRO A 83 -2.56 9.19 28.51
C PRO A 83 -2.41 10.48 27.67
N GLU A 84 -1.20 10.85 27.29
CA GLU A 84 -0.99 12.11 26.58
C GLU A 84 -0.91 11.91 25.07
N CYS A 85 -1.17 10.68 24.64
CA CYS A 85 -1.04 10.31 23.24
C CYS A 85 -2.35 10.51 22.49
N THR A 86 -2.26 11.02 21.27
CA THR A 86 -3.43 11.14 20.41
C THR A 86 -3.54 9.91 19.49
N ALA A 87 -4.75 9.35 19.40
CA ALA A 87 -5.01 8.22 18.51
C ALA A 87 -5.60 8.66 17.17
N PHE A 88 -5.19 8.00 16.09
CA PHE A 88 -5.64 8.31 14.74
C PHE A 88 -6.05 7.04 13.98
N ILE A 89 -7.26 7.06 13.42
CA ILE A 89 -7.71 6.02 12.50
C ILE A 89 -7.59 6.48 11.04
N GLY A 90 -6.70 5.82 10.28
CA GLY A 90 -6.40 6.20 8.90
C GLY A 90 -7.44 5.88 7.86
N SER A 91 -7.22 6.37 6.64
CA SER A 91 -8.20 6.24 5.55
C SER A 91 -8.29 4.80 5.04
N GLY A 92 -7.24 4.01 5.28
CA GLY A 92 -7.17 2.62 4.83
C GLY A 92 -7.95 1.67 5.71
N VAL A 93 -8.34 2.14 6.88
CA VAL A 93 -9.08 1.29 7.82
C VAL A 93 -10.52 1.12 7.35
N VAL A 94 -11.13 0.02 7.74
CA VAL A 94 -12.55 -0.18 7.52
C VAL A 94 -13.24 -0.22 8.91
N VAL A 95 -14.26 0.62 9.09
CA VAL A 95 -14.77 0.93 10.43
C VAL A 95 -16.23 0.52 10.68
N HIS A 96 -16.45 -0.35 11.67
CA HIS A 96 -17.80 -0.62 12.14
C HIS A 96 -18.11 0.28 13.32
N VAL A 97 -18.90 1.33 13.07
CA VAL A 97 -19.12 2.39 14.05
C VAL A 97 -19.72 1.92 15.40
N PRO A 98 -20.74 1.02 15.38
CA PRO A 98 -21.25 0.61 16.70
C PRO A 98 -20.20 -0.11 17.55
N SER A 99 -19.35 -0.93 16.92
CA SER A 99 -18.25 -1.59 17.62
C SER A 99 -17.25 -0.55 18.14
N LEU A 100 -16.95 0.44 17.31
CA LEU A 100 -16.06 1.54 17.69
C LEU A 100 -16.49 2.16 19.02
N PHE A 101 -17.78 2.47 19.16
CA PHE A 101 -18.24 3.10 20.38
C PHE A 101 -18.37 2.09 21.54
N ASN A 102 -18.71 0.83 21.25
CA ASN A 102 -18.70 -0.22 22.29
C ASN A 102 -17.32 -0.34 22.94
N GLU A 103 -16.29 -0.40 22.11
CA GLU A 103 -14.90 -0.43 22.55
C GLU A 103 -14.49 0.86 23.29
N LEU A 104 -14.87 2.02 22.73
CA LEU A 104 -14.52 3.31 23.33
C LEU A 104 -15.14 3.48 24.72
N ASP A 105 -16.44 3.23 24.82
CA ASP A 105 -17.14 3.41 26.08
C ASP A 105 -16.61 2.47 27.15
N THR A 106 -16.22 1.26 26.77
CA THR A 106 -15.69 0.30 27.74
C THR A 106 -14.35 0.76 28.33
N LEU A 107 -13.50 1.37 27.49
CA LEU A 107 -12.19 1.83 27.96
C LEU A 107 -12.34 2.97 28.97
N GLU A 108 -13.26 3.88 28.69
CA GLU A 108 -13.54 5.04 29.54
C GLU A 108 -14.28 4.69 30.82
N ARG A 109 -15.02 3.58 30.78
CA ARG A 109 -15.77 3.11 31.92
C ARG A 109 -14.86 2.27 32.80
N LYS A 110 -13.60 2.20 32.38
CA LYS A 110 -12.53 1.63 33.17
C LYS A 110 -11.47 2.72 33.46
N GLY A 111 -11.86 3.97 33.20
CA GLY A 111 -11.06 5.11 33.63
C GLY A 111 -10.00 5.57 32.65
N LEU A 112 -10.07 5.09 31.41
CA LEU A 112 -9.13 5.54 30.39
C LEU A 112 -9.84 6.47 29.44
N LYS A 113 -9.50 7.76 29.49
CA LYS A 113 -10.11 8.80 28.68
C LYS A 113 -9.68 8.70 27.21
N VAL A 114 -10.67 8.57 26.32
CA VAL A 114 -10.40 8.37 24.88
C VAL A 114 -10.97 9.51 24.02
N ALA A 115 -12.26 9.82 24.24
CA ALA A 115 -12.97 10.85 23.48
C ALA A 115 -12.28 12.19 23.66
N GLY A 116 -11.74 12.76 22.59
CA GLY A 116 -11.07 14.03 22.69
C GLY A 116 -9.58 13.88 22.41
N ARG A 117 -9.15 12.62 22.29
CA ARG A 117 -7.80 12.25 21.91
C ARG A 117 -7.90 11.40 20.65
N LEU A 118 -9.11 11.31 20.10
CA LEU A 118 -9.37 10.37 19.01
C LEU A 118 -9.80 11.07 17.71
N LEU A 119 -9.04 10.83 16.65
CA LEU A 119 -9.32 11.42 15.34
C LEU A 119 -9.48 10.36 14.28
N VAL A 120 -10.49 10.55 13.42
CA VAL A 120 -10.82 9.57 12.39
C VAL A 120 -10.85 10.19 11.00
N SER A 121 -10.06 9.66 10.08
CA SER A 121 -10.08 10.10 8.68
C SER A 121 -11.46 9.99 8.05
N ASP A 122 -11.92 11.07 7.40
CA ASP A 122 -13.27 11.08 6.82
C ASP A 122 -13.35 10.22 5.56
N ARG A 123 -12.21 9.66 5.15
CA ARG A 123 -12.14 8.79 3.99
C ARG A 123 -12.11 7.31 4.34
N ALA A 124 -12.09 6.99 5.63
CA ALA A 124 -12.18 5.59 6.05
C ALA A 124 -13.52 5.02 5.61
N HIS A 125 -13.55 3.74 5.24
CA HIS A 125 -14.82 3.14 4.82
C HIS A 125 -15.63 2.62 6.01
N LEU A 126 -16.92 2.40 5.77
CA LEU A 126 -17.83 1.97 6.83
C LEU A 126 -18.21 0.50 6.73
N VAL A 127 -18.06 -0.22 7.84
CA VAL A 127 -18.61 -1.57 7.93
C VAL A 127 -20.06 -1.45 8.33
N MET A 128 -20.94 -1.92 7.46
CA MET A 128 -22.37 -1.82 7.73
C MET A 128 -22.91 -3.12 8.30
N GLY A 129 -24.13 -3.07 8.82
CA GLY A 129 -24.77 -4.25 9.35
C GLY A 129 -24.90 -5.36 8.33
N PHE A 130 -25.31 -5.00 7.11
CA PHE A 130 -25.53 -6.01 6.07
C PHE A 130 -24.21 -6.63 5.60
N HIS A 131 -23.10 -5.96 5.89
CA HIS A 131 -21.79 -6.53 5.64
C HIS A 131 -21.55 -7.75 6.56
N GLN A 132 -22.14 -7.73 7.76
CA GLN A 132 -21.96 -8.81 8.74
C GLN A 132 -23.00 -9.92 8.61
N ILE A 133 -23.69 -9.99 7.48
CA ILE A 133 -24.63 -11.07 7.23
C ILE A 133 -24.13 -11.97 6.11
N LYS A 152 -17.90 -10.93 10.69
CA LYS A 152 -17.52 -9.61 11.21
C LYS A 152 -17.64 -8.50 10.15
N GLY A 153 -17.55 -8.87 8.88
CA GLY A 153 -17.93 -7.99 7.79
C GLY A 153 -16.81 -7.17 7.19
N ILE A 154 -15.58 -7.40 7.66
CA ILE A 154 -14.40 -6.68 7.17
C ILE A 154 -14.19 -6.93 5.67
N GLY A 155 -14.18 -8.20 5.28
CA GLY A 155 -14.03 -8.57 3.88
C GLY A 155 -15.03 -7.93 2.93
N PRO A 156 -16.33 -8.14 3.18
CA PRO A 156 -17.38 -7.51 2.38
C PRO A 156 -17.27 -5.98 2.28
N ALA A 157 -16.82 -5.32 3.34
CA ALA A 157 -16.61 -3.89 3.31
C ALA A 157 -15.45 -3.53 2.38
N TYR A 158 -14.35 -4.28 2.41
CA TYR A 158 -13.27 -4.03 1.46
C TYR A 158 -13.69 -4.35 0.03
N SER A 159 -14.64 -5.25 -0.12
CA SER A 159 -15.18 -5.57 -1.44
C SER A 159 -15.99 -4.40 -2.02
N SER A 160 -16.83 -3.78 -1.17
CA SER A 160 -17.59 -2.58 -1.58
C SER A 160 -16.67 -1.43 -1.93
N LYS A 161 -15.55 -1.32 -1.20
CA LYS A 161 -14.59 -0.26 -1.43
C LYS A 161 -14.04 -0.37 -2.84
N ALA A 162 -13.61 -1.58 -3.21
CA ALA A 162 -13.08 -1.85 -4.55
C ALA A 162 -14.13 -1.60 -5.66
N SER A 163 -15.40 -1.84 -5.32
CA SER A 163 -16.51 -1.61 -6.23
C SER A 163 -16.84 -0.11 -6.30
N ARG A 164 -16.33 0.63 -5.31
CA ARG A 164 -16.56 2.07 -5.20
C ARG A 164 -18.05 2.35 -4.97
N SER A 165 -18.74 1.37 -4.41
CA SER A 165 -20.11 1.53 -3.98
C SER A 165 -20.18 1.55 -2.46
N GLY A 166 -19.01 1.45 -1.83
CA GLY A 166 -18.96 1.50 -0.37
C GLY A 166 -19.26 2.90 0.13
N LEU A 167 -19.67 3.00 1.39
CA LEU A 167 -19.92 4.28 2.04
C LEU A 167 -18.72 4.63 2.93
N ARG A 168 -18.34 5.90 2.95
CA ARG A 168 -17.18 6.32 3.72
C ARG A 168 -17.64 7.20 4.88
N VAL A 169 -16.72 7.54 5.79
CA VAL A 169 -17.10 8.26 6.99
C VAL A 169 -17.81 9.59 6.64
N HIS A 170 -17.35 10.29 5.61
CA HIS A 170 -17.97 11.60 5.25
C HIS A 170 -19.42 11.44 4.79
N HIS A 171 -19.79 10.25 4.33
CA HIS A 171 -21.16 10.01 3.90
C HIS A 171 -22.18 10.11 5.03
N LEU A 172 -21.72 9.94 6.27
CA LEU A 172 -22.62 10.00 7.43
C LEU A 172 -23.20 11.39 7.61
N PHE A 173 -22.57 12.38 6.96
CA PHE A 173 -23.00 13.76 7.07
C PHE A 173 -23.53 14.24 5.73
N ASP A 174 -23.73 13.29 4.84
CA ASP A 174 -24.29 13.50 3.50
C ASP A 174 -25.80 13.25 3.53
N PRO A 175 -26.60 14.24 3.11
CA PRO A 175 -28.06 14.09 3.15
C PRO A 175 -28.60 12.98 2.24
N THR A 176 -27.77 12.46 1.34
CA THR A 176 -28.19 11.38 0.45
C THR A 176 -27.81 10.01 1.03
N PHE A 177 -27.32 10.00 2.25
CA PHE A 177 -26.93 8.76 2.92
C PHE A 177 -28.08 7.73 2.94
N PRO A 178 -29.30 8.13 3.36
CA PRO A 178 -30.37 7.12 3.35
C PRO A 178 -30.66 6.60 1.93
N ALA A 179 -30.66 7.49 0.95
CA ALA A 179 -30.96 7.10 -0.43
C ALA A 179 -30.03 6.00 -0.95
N LYS A 180 -28.73 6.23 -0.87
CA LYS A 180 -27.76 5.30 -1.45
C LYS A 180 -27.44 4.13 -0.51
N PHE A 181 -28.02 4.16 0.68
CA PHE A 181 -27.88 3.05 1.62
C PHE A 181 -28.57 1.82 1.01
N ARG A 182 -29.71 2.04 0.38
CA ARG A 182 -30.48 0.95 -0.23
C ARG A 182 -29.74 0.25 -1.38
N ILE A 203 -30.70 2.68 9.81
CA ILE A 203 -30.31 4.03 9.40
C ILE A 203 -30.36 5.01 10.56
N GLU A 204 -31.51 5.04 11.24
CA GLU A 204 -31.75 5.97 12.33
C GLU A 204 -30.63 5.87 13.38
N MET A 205 -30.06 4.69 13.52
CA MET A 205 -29.02 4.45 14.51
C MET A 205 -27.69 5.06 14.08
N TYR A 206 -27.32 4.91 12.81
CA TYR A 206 -26.08 5.51 12.32
C TYR A 206 -26.09 7.06 12.37
N LEU A 207 -27.22 7.67 12.09
CA LEU A 207 -27.32 9.13 12.23
C LEU A 207 -27.09 9.56 13.68
N ALA A 208 -27.58 8.76 14.62
CA ALA A 208 -27.30 9.01 16.03
C ALA A 208 -25.80 8.89 16.29
N PHE A 209 -25.20 7.85 15.71
CA PHE A 209 -23.75 7.65 15.82
C PHE A 209 -22.98 8.77 15.12
N ALA A 210 -23.54 9.30 14.04
CA ALA A 210 -22.91 10.39 13.30
C ALA A 210 -22.57 11.57 14.19
N GLU A 211 -23.46 11.87 15.15
CA GLU A 211 -23.29 13.02 16.03
C GLU A 211 -22.17 12.81 17.05
N ARG A 212 -22.10 11.60 17.60
CA ARG A 212 -21.02 11.24 18.52
C ARG A 212 -19.70 11.24 17.77
N LEU A 213 -19.78 10.89 16.50
CA LEU A 213 -18.62 10.80 15.64
C LEU A 213 -18.06 12.14 15.21
N ARG A 214 -18.93 13.13 15.06
CA ARG A 214 -18.55 14.41 14.45
C ARG A 214 -17.27 15.06 15.00
N PRO A 215 -17.15 15.23 16.33
CA PRO A 215 -15.93 15.93 16.79
C PRO A 215 -14.63 15.14 16.60
N PHE A 216 -14.74 13.87 16.21
CA PHE A 216 -13.56 13.04 15.93
C PHE A 216 -13.06 13.18 14.48
N ILE A 217 -13.94 13.60 13.57
CA ILE A 217 -13.65 13.52 12.13
C ILE A 217 -12.62 14.55 11.71
N VAL A 218 -11.61 14.11 10.99
CA VAL A 218 -10.62 15.01 10.41
C VAL A 218 -10.34 14.65 8.96
N ASP A 219 -9.67 15.55 8.27
CA ASP A 219 -9.11 15.22 6.97
C ASP A 219 -7.81 14.46 7.25
N GLY A 220 -7.78 13.18 6.90
CA GLY A 220 -6.65 12.30 7.19
C GLY A 220 -5.29 12.73 6.65
N PRO A 221 -5.19 12.94 5.33
CA PRO A 221 -3.93 13.43 4.75
C PRO A 221 -3.38 14.70 5.43
N THR A 222 -4.23 15.69 5.70
CA THR A 222 -3.80 16.94 6.30
C THR A 222 -3.32 16.73 7.72
N PHE A 223 -4.10 16.00 8.50
CA PHE A 223 -3.75 15.76 9.89
C PHE A 223 -2.35 15.15 9.98
N MET A 224 -2.11 14.10 9.17
CA MET A 224 -0.84 13.39 9.21
C MET A 224 0.31 14.26 8.67
N HIS A 225 0.05 14.97 7.58
CA HIS A 225 1.04 15.89 7.02
C HIS A 225 1.46 16.95 8.04
N ASN A 226 0.48 17.52 8.75
CA ASN A 226 0.75 18.52 9.78
C ASN A 226 1.54 17.92 10.95
N ALA A 227 1.17 16.71 11.32
CA ALA A 227 1.84 15.98 12.37
C ALA A 227 3.33 15.78 12.04
N LEU A 228 3.62 15.25 10.86
CA LEU A 228 5.00 15.10 10.41
C LEU A 228 5.76 16.43 10.30
N SER A 229 5.10 17.48 9.77
CA SER A 229 5.71 18.82 9.62
C SER A 229 6.13 19.46 10.94
N SER A 230 5.28 19.31 11.95
CA SER A 230 5.56 19.89 13.27
C SER A 230 6.40 18.94 14.13
N GLY A 231 6.89 17.86 13.53
CA GLY A 231 7.83 16.97 14.18
C GLY A 231 7.23 15.98 15.17
N LYS A 232 5.96 15.64 15.02
CA LYS A 232 5.34 14.67 15.93
C LYS A 232 5.92 13.27 15.73
N ARG A 233 6.00 12.51 16.82
CA ARG A 233 6.43 11.12 16.73
C ARG A 233 5.21 10.24 16.55
N VAL A 234 5.14 9.56 15.41
CA VAL A 234 3.97 8.77 15.08
C VAL A 234 4.28 7.26 15.17
N LEU A 235 3.43 6.56 15.89
CA LEU A 235 3.55 5.14 16.03
C LEU A 235 2.39 4.49 15.30
N VAL A 236 2.72 3.58 14.40
CA VAL A 236 1.69 2.88 13.66
C VAL A 236 1.63 1.41 14.14
N GLU A 237 0.44 0.96 14.54
CA GLU A 237 0.24 -0.44 14.98
C GLU A 237 -0.35 -1.26 13.83
N GLY A 238 0.48 -2.04 13.14
CA GLY A 238 -0.03 -2.90 12.10
C GLY A 238 -1.03 -3.91 12.66
N ALA A 239 -2.08 -4.20 11.91
CA ALA A 239 -3.06 -5.20 12.32
C ALA A 239 -2.70 -6.58 11.77
N ASN A 240 -2.98 -7.62 12.56
CA ASN A 240 -2.65 -8.99 12.18
C ASN A 240 -1.17 -9.11 11.84
N ALA A 241 -0.84 -9.70 10.69
CA ALA A 241 0.55 -10.07 10.43
C ALA A 241 0.85 -10.37 8.96
N LEU A 242 2.14 -10.40 8.65
CA LEU A 242 2.62 -10.54 7.28
C LEU A 242 2.04 -11.78 6.55
N MET A 243 2.05 -12.94 7.19
CA MET A 243 1.57 -14.14 6.50
C MET A 243 0.04 -14.13 6.36
N LEU A 244 -0.62 -13.10 6.87
CA LEU A 244 -2.05 -12.91 6.64
C LEU A 244 -2.33 -11.76 5.66
N ASP A 245 -1.27 -11.23 5.03
CA ASP A 245 -1.39 -10.11 4.07
C ASP A 245 -2.17 -10.54 2.82
N LEU A 246 -3.06 -9.67 2.35
CA LEU A 246 -3.93 -9.98 1.20
C LEU A 246 -3.13 -10.40 -0.04
N ASP A 247 -1.99 -9.74 -0.28
CA ASP A 247 -1.14 -10.09 -1.43
C ASP A 247 -0.20 -11.27 -1.12
N TYR A 248 0.48 -11.18 0.02
CA TYR A 248 1.70 -11.93 0.20
C TYR A 248 1.57 -13.09 1.17
N GLY A 249 0.41 -13.22 1.80
CA GLY A 249 0.17 -14.28 2.76
C GLY A 249 -0.22 -15.60 2.12
N THR A 250 -0.66 -16.53 2.97
CA THR A 250 -1.07 -17.83 2.48
C THR A 250 -2.46 -17.78 1.85
N TYR A 251 -2.62 -16.94 0.82
CA TYR A 251 -3.89 -16.77 0.08
C TYR A 251 -4.42 -18.13 -0.36
N PRO A 252 -5.74 -18.34 -0.24
CA PRO A 252 -6.77 -17.42 0.21
C PRO A 252 -6.94 -17.34 1.75
N PHE A 253 -6.08 -18.03 2.50
CA PHE A 253 -6.17 -18.00 3.96
C PHE A 253 -5.43 -16.79 4.52
N VAL A 254 -5.97 -15.61 4.20
CA VAL A 254 -5.40 -14.33 4.63
C VAL A 254 -6.52 -13.37 4.97
N THR A 255 -6.19 -12.17 5.45
CA THR A 255 -7.21 -11.14 5.65
C THR A 255 -7.45 -10.42 4.33
N SER A 256 -8.39 -9.50 4.31
CA SER A 256 -8.84 -8.93 3.05
C SER A 256 -8.18 -7.59 2.74
N SER A 257 -7.05 -7.31 3.38
CA SER A 257 -6.30 -6.10 3.06
C SER A 257 -4.83 -6.30 3.38
N SER A 258 -4.04 -5.24 3.17
CA SER A 258 -2.62 -5.23 3.48
C SER A 258 -2.41 -5.21 4.98
N THR A 259 -1.50 -6.09 5.44
CA THR A 259 -1.08 -6.11 6.83
C THR A 259 0.38 -5.68 6.90
N SER A 260 0.95 -5.44 5.73
CA SER A 260 2.37 -5.13 5.61
C SER A 260 2.65 -3.65 5.39
N ILE A 261 3.93 -3.37 5.17
CA ILE A 261 4.45 -2.02 5.29
C ILE A 261 3.80 -1.09 4.23
N GLY A 262 3.48 -1.64 3.06
CA GLY A 262 2.80 -0.88 2.02
C GLY A 262 1.44 -0.36 2.44
N GLY A 263 0.74 -1.14 3.25
CA GLY A 263 -0.54 -0.76 3.80
C GLY A 263 -0.43 0.45 4.71
N VAL A 264 0.75 0.64 5.30
CA VAL A 264 0.99 1.81 6.15
C VAL A 264 1.12 3.09 5.32
N VAL A 265 1.94 3.02 4.28
CA VAL A 265 2.15 4.14 3.38
C VAL A 265 0.83 4.55 2.75
N SER A 266 0.10 3.57 2.23
CA SER A 266 -1.22 3.77 1.64
C SER A 266 -2.27 4.24 2.63
N GLY A 267 -2.37 3.53 3.74
CA GLY A 267 -3.44 3.76 4.70
C GLY A 267 -3.38 5.06 5.46
N LEU A 268 -2.18 5.64 5.56
CA LEU A 268 -2.01 6.95 6.21
C LEU A 268 -1.81 8.05 5.18
N GLY A 269 -1.64 7.66 3.92
CA GLY A 269 -1.44 8.59 2.82
C GLY A 269 -0.18 9.41 2.97
N ILE A 270 0.92 8.75 3.36
CA ILE A 270 2.20 9.42 3.54
C ILE A 270 3.26 8.94 2.57
N SER A 271 4.38 9.63 2.56
CA SER A 271 5.56 9.26 1.76
C SER A 271 6.34 8.09 2.35
N PRO A 272 6.84 7.19 1.48
CA PRO A 272 7.69 6.09 1.96
C PRO A 272 8.87 6.68 2.74
N PHE A 273 9.30 7.90 2.38
CA PHE A 273 10.42 8.55 3.02
C PHE A 273 10.14 8.91 4.48
N ALA A 274 8.87 8.94 4.85
CA ALA A 274 8.49 9.33 6.20
C ALA A 274 8.63 8.16 7.20
N ILE A 275 8.82 6.95 6.67
CA ILE A 275 9.00 5.78 7.53
C ILE A 275 10.40 5.69 8.12
N LYS A 276 10.52 5.72 9.44
CA LYS A 276 11.85 5.70 10.07
C LYS A 276 12.25 4.31 10.60
N ARG A 277 11.36 3.63 11.30
CA ARG A 277 11.66 2.30 11.85
C ARG A 277 10.54 1.35 11.54
N VAL A 278 10.89 0.11 11.25
CA VAL A 278 9.89 -0.94 11.10
C VAL A 278 10.30 -2.16 11.95
N VAL A 279 9.66 -2.31 13.10
CA VAL A 279 10.01 -3.35 14.05
C VAL A 279 9.09 -4.55 13.85
N GLY A 280 9.67 -5.69 13.46
CA GLY A 280 8.92 -6.93 13.29
C GLY A 280 8.74 -7.69 14.59
N VAL A 281 7.50 -8.06 14.88
CA VAL A 281 7.25 -8.88 16.07
C VAL A 281 7.24 -10.35 15.66
N ILE A 282 8.23 -11.09 16.20
CA ILE A 282 8.43 -12.50 15.87
C ILE A 282 8.31 -13.35 17.13
N LYS A 283 7.29 -14.21 17.18
CA LYS A 283 7.12 -15.10 18.31
C LYS A 283 8.19 -16.18 18.26
N ALA A 284 8.68 -16.58 19.44
CA ALA A 284 9.75 -17.60 19.54
C ALA A 284 9.39 -18.97 18.93
N TYR A 285 8.10 -19.18 18.71
CA TYR A 285 7.58 -20.32 17.96
C TYR A 285 6.42 -19.82 17.09
N THR A 286 5.93 -20.68 16.20
CA THR A 286 4.88 -20.29 15.26
C THR A 286 3.47 -20.78 15.64
N THR A 287 2.48 -19.91 15.51
CA THR A 287 1.08 -20.31 15.64
C THR A 287 0.25 -19.96 14.43
N ARG A 288 -0.84 -20.70 14.23
CA ARG A 288 -1.80 -20.38 13.18
C ARG A 288 -3.19 -20.62 13.70
N VAL A 289 -4.14 -19.86 13.14
CA VAL A 289 -5.54 -19.89 13.52
C VAL A 289 -6.42 -20.48 12.43
N GLY A 290 -6.11 -20.15 11.17
CA GLY A 290 -6.93 -20.56 10.05
C GLY A 290 -6.55 -21.90 9.46
N GLY A 291 -7.18 -22.25 8.35
CA GLY A 291 -6.84 -23.44 7.59
C GLY A 291 -5.68 -23.19 6.64
N GLY A 292 -5.49 -24.11 5.70
CA GLY A 292 -4.32 -24.07 4.83
C GLY A 292 -3.08 -24.68 5.45
N PRO A 293 -2.00 -24.80 4.66
CA PRO A 293 -0.80 -25.50 5.15
C PRO A 293 -0.11 -24.72 6.26
N PHE A 294 0.76 -25.42 6.99
CA PHE A 294 1.47 -24.88 8.13
C PHE A 294 2.69 -25.80 8.34
N PRO A 295 3.80 -25.51 7.60
CA PRO A 295 4.98 -26.40 7.51
C PRO A 295 5.56 -26.86 8.84
N THR A 296 5.67 -25.99 9.84
CA THR A 296 6.30 -26.46 11.08
C THR A 296 5.28 -26.89 12.12
N GLU A 297 4.03 -27.07 11.70
CA GLU A 297 2.97 -27.47 12.62
C GLU A 297 3.30 -28.79 13.30
N ASP A 298 3.09 -28.85 14.62
CA ASP A 298 3.26 -30.12 15.32
C ASP A 298 1.92 -30.63 15.84
N LEU A 299 1.54 -31.85 15.44
CA LEU A 299 0.22 -32.35 15.77
C LEU A 299 0.28 -33.24 16.99
N ALA A 300 1.42 -33.24 17.68
CA ALA A 300 1.62 -34.09 18.86
C ALA A 300 2.04 -33.26 20.08
N THR A 301 2.97 -33.79 20.84
CA THR A 301 3.31 -33.27 22.16
C THR A 301 4.00 -31.91 22.17
N VAL A 302 4.89 -31.68 21.20
CA VAL A 302 5.48 -30.36 21.04
C VAL A 302 4.38 -29.33 20.85
N GLY A 303 3.42 -29.66 19.98
CA GLY A 303 2.30 -28.79 19.68
C GLY A 303 1.48 -28.48 20.91
N GLU A 304 1.15 -29.52 21.66
CA GLU A 304 0.32 -29.37 22.85
C GLU A 304 1.01 -28.63 23.99
N THR A 305 2.34 -28.78 24.07
CA THR A 305 3.11 -28.10 25.10
C THR A 305 3.20 -26.58 24.80
N LEU A 306 3.52 -26.24 23.54
CA LEU A 306 3.54 -24.84 23.10
C LEU A 306 2.18 -24.22 23.37
N GLN A 307 1.15 -24.93 22.94
CA GLN A 307 -0.23 -24.53 23.11
C GLN A 307 -0.57 -24.22 24.57
N GLU A 308 -0.20 -25.14 25.46
CA GLU A 308 -0.56 -25.00 26.86
C GLU A 308 0.31 -23.95 27.57
N VAL A 309 1.62 -24.05 27.43
CA VAL A 309 2.55 -23.13 28.12
C VAL A 309 2.43 -21.69 27.58
N GLY A 310 2.12 -21.56 26.29
CA GLY A 310 1.94 -20.26 25.68
C GLY A 310 0.52 -19.70 25.76
N ALA A 311 -0.37 -20.46 26.42
CA ALA A 311 -1.79 -20.11 26.53
C ALA A 311 -2.35 -19.69 25.19
N GLU A 312 -2.16 -20.53 24.18
CA GLU A 312 -2.55 -20.18 22.82
C GLU A 312 -4.01 -20.56 22.57
N TYR A 313 -4.92 -19.76 23.11
CA TYR A 313 -6.35 -19.96 22.92
C TYR A 313 -6.93 -18.70 22.29
N GLY A 314 -7.97 -18.90 21.47
CA GLY A 314 -8.66 -17.81 20.82
C GLY A 314 -9.27 -16.85 21.83
N THR A 315 -9.16 -15.57 21.51
CA THR A 315 -9.55 -14.48 22.39
C THR A 315 -10.97 -14.60 22.90
N VAL A 316 -11.90 -14.90 22.01
CA VAL A 316 -13.31 -14.96 22.38
C VAL A 316 -13.88 -16.34 22.13
N THR A 317 -13.26 -17.04 21.18
CA THR A 317 -13.72 -18.36 20.74
C THR A 317 -13.35 -19.51 21.70
N GLY A 318 -12.24 -19.35 22.41
CA GLY A 318 -11.76 -20.36 23.35
C GLY A 318 -11.02 -21.48 22.65
N ARG A 319 -11.02 -21.43 21.32
CA ARG A 319 -10.44 -22.45 20.47
C ARG A 319 -8.91 -22.39 20.49
N ARG A 320 -8.29 -23.53 20.75
CA ARG A 320 -6.83 -23.63 20.75
C ARG A 320 -6.25 -23.28 19.37
N ARG A 321 -5.14 -22.55 19.37
CA ARG A 321 -4.42 -22.24 18.14
C ARG A 321 -3.55 -23.40 17.68
N ARG A 322 -3.36 -23.51 16.37
CA ARG A 322 -2.40 -24.48 15.84
C ARG A 322 -1.00 -24.01 16.20
N CYS A 323 -0.16 -24.92 16.70
CA CYS A 323 1.20 -24.56 17.10
C CYS A 323 2.27 -25.37 16.39
N GLY A 324 3.43 -24.75 16.23
CA GLY A 324 4.55 -25.38 15.54
C GLY A 324 5.86 -24.75 15.94
N TRP A 325 6.97 -25.34 15.50
CA TRP A 325 8.29 -24.73 15.70
C TRP A 325 8.43 -23.35 15.02
N LEU A 326 9.42 -22.58 15.48
CA LEU A 326 9.87 -21.37 14.81
C LEU A 326 10.27 -21.72 13.38
N ASP A 327 9.77 -20.90 12.45
CA ASP A 327 10.01 -21.12 11.04
C ASP A 327 10.68 -19.87 10.48
N LEU A 328 11.98 -19.95 10.23
CA LEU A 328 12.77 -18.83 9.76
C LEU A 328 12.74 -18.69 8.23
N VAL A 329 12.23 -19.70 7.55
CA VAL A 329 12.00 -19.56 6.10
C VAL A 329 10.86 -18.53 5.91
N VAL A 330 9.82 -18.67 6.75
CA VAL A 330 8.74 -17.73 6.84
C VAL A 330 9.31 -16.36 7.22
N MET A 331 10.15 -16.33 8.26
CA MET A 331 10.69 -15.05 8.69
C MET A 331 11.59 -14.39 7.65
N LYS A 332 12.31 -15.17 6.84
CA LYS A 332 13.14 -14.57 5.80
C LYS A 332 12.26 -13.89 4.72
N TYR A 333 11.18 -14.57 4.36
CA TYR A 333 10.21 -14.04 3.40
C TYR A 333 9.53 -12.78 3.94
N SER A 334 9.13 -12.86 5.22
CA SER A 334 8.48 -11.78 5.93
C SER A 334 9.34 -10.50 5.94
N THR A 335 10.63 -10.71 6.24
CA THR A 335 11.64 -9.66 6.27
C THR A 335 11.81 -9.01 4.91
N MET A 336 11.74 -9.85 3.91
CA MET A 336 11.87 -9.48 2.53
C MET A 336 10.73 -8.48 2.15
N ILE A 337 9.51 -8.74 2.59
CA ILE A 337 8.39 -7.86 2.27
C ILE A 337 8.42 -6.54 3.07
N ASN A 338 8.72 -6.67 4.36
CA ASN A 338 8.57 -5.56 5.30
C ASN A 338 9.83 -4.77 5.63
N GLY A 339 11.00 -5.35 5.40
CA GLY A 339 12.25 -4.63 5.60
C GLY A 339 12.49 -4.16 7.02
N TYR A 340 12.29 -5.08 7.97
CA TYR A 340 12.43 -4.80 9.40
C TYR A 340 13.74 -4.12 9.72
N THR A 341 13.69 -3.07 10.54
CA THR A 341 14.93 -2.44 10.98
C THR A 341 15.43 -3.12 12.26
N SER A 342 14.52 -3.71 13.04
CA SER A 342 14.89 -4.57 14.15
C SER A 342 13.73 -5.50 14.52
N LEU A 343 13.96 -6.44 15.43
CA LEU A 343 12.97 -7.45 15.80
C LEU A 343 12.58 -7.47 17.28
N ASN A 344 11.33 -7.82 17.51
CA ASN A 344 10.82 -8.07 18.86
C ASN A 344 10.52 -9.58 18.97
N LEU A 345 11.39 -10.29 19.67
CA LEU A 345 11.19 -11.74 19.89
C LEU A 345 10.31 -11.95 21.12
N THR A 346 9.15 -12.55 20.92
CA THR A 346 8.21 -12.67 22.03
C THR A 346 8.02 -14.11 22.53
N LYS A 347 7.55 -14.21 23.77
CA LYS A 347 7.18 -15.46 24.42
C LYS A 347 8.33 -16.47 24.40
N LEU A 348 9.54 -16.00 24.73
CA LEU A 348 10.73 -16.84 24.64
C LEU A 348 10.70 -17.82 25.82
N ASP A 349 10.03 -17.41 26.88
CA ASP A 349 9.85 -18.18 28.10
C ASP A 349 9.04 -19.45 27.88
N VAL A 350 8.24 -19.49 26.82
CA VAL A 350 7.43 -20.66 26.49
C VAL A 350 8.34 -21.85 26.17
N LEU A 351 9.60 -21.58 25.81
CA LEU A 351 10.56 -22.66 25.49
C LEU A 351 11.47 -23.04 26.69
N ASP A 352 11.22 -22.41 27.84
CA ASP A 352 12.08 -22.63 29.00
C ASP A 352 12.18 -24.11 29.42
N GLY A 353 11.15 -24.91 29.11
CA GLY A 353 11.09 -26.28 29.60
C GLY A 353 11.53 -27.32 28.57
N PHE A 354 11.96 -26.84 27.40
CA PHE A 354 12.36 -27.69 26.27
C PHE A 354 13.80 -28.14 26.34
N GLU A 355 14.02 -29.45 26.28
CA GLU A 355 15.38 -29.98 26.26
C GLU A 355 16.05 -29.70 24.93
N GLU A 356 15.30 -29.87 23.83
CA GLU A 356 15.79 -29.51 22.50
C GLU A 356 14.77 -28.64 21.76
N ILE A 357 15.23 -27.73 20.92
CA ILE A 357 14.32 -26.84 20.19
C ILE A 357 14.70 -26.85 18.73
N LYS A 358 13.74 -27.20 17.89
CA LYS A 358 13.98 -27.21 16.45
C LYS A 358 13.58 -25.88 15.82
N VAL A 359 14.31 -25.48 14.78
CA VAL A 359 14.02 -24.26 14.04
C VAL A 359 14.12 -24.50 12.55
N ALA A 360 13.06 -24.23 11.80
CA ALA A 360 13.10 -24.45 10.34
C ALA A 360 14.03 -23.46 9.66
N THR A 361 14.95 -23.99 8.85
CA THR A 361 15.95 -23.15 8.18
C THR A 361 15.91 -23.28 6.66
N GLY A 362 15.09 -24.18 6.15
CA GLY A 362 15.00 -24.43 4.72
C GLY A 362 13.78 -25.26 4.32
N TYR A 363 13.36 -25.08 3.07
CA TYR A 363 12.31 -25.91 2.48
C TYR A 363 12.88 -26.66 1.28
N LYS A 364 12.56 -27.94 1.15
CA LYS A 364 12.88 -28.70 -0.06
C LYS A 364 11.59 -29.33 -0.58
N ILE A 365 11.52 -29.59 -1.89
CA ILE A 365 10.36 -30.26 -2.46
C ILE A 365 10.69 -31.69 -2.90
N ASP A 366 11.46 -31.81 -3.96
CA ASP A 366 11.86 -33.12 -4.46
C ASP A 366 13.37 -33.27 -4.31
N GLY A 367 13.85 -32.82 -3.15
CA GLY A 367 15.25 -32.94 -2.80
C GLY A 367 15.98 -31.64 -3.10
N VAL A 368 15.29 -30.74 -3.78
CA VAL A 368 15.89 -29.46 -4.19
C VAL A 368 15.35 -28.31 -3.35
N GLU A 369 16.26 -27.46 -2.88
CA GLU A 369 15.94 -26.29 -2.06
C GLU A 369 14.97 -25.34 -2.75
N VAL A 370 13.98 -24.87 -2.01
CA VAL A 370 13.01 -23.88 -2.48
C VAL A 370 13.44 -22.48 -2.06
N GLU A 371 13.61 -21.57 -3.01
CA GLU A 371 13.89 -20.18 -2.65
C GLU A 371 12.59 -19.45 -2.28
N GLY A 372 12.67 -18.58 -1.28
CA GLY A 372 11.53 -17.78 -0.86
C GLY A 372 10.37 -18.61 -0.35
N PHE A 373 9.16 -18.05 -0.48
CA PHE A 373 7.95 -18.72 -0.01
C PHE A 373 6.96 -18.96 -1.16
N PRO A 374 6.40 -20.18 -1.26
CA PRO A 374 5.57 -20.55 -2.41
C PRO A 374 4.19 -19.93 -2.40
N ALA A 375 3.78 -19.37 -3.54
CA ALA A 375 2.42 -18.84 -3.69
C ALA A 375 1.40 -19.99 -3.79
N ASP A 376 1.80 -21.08 -4.42
CA ASP A 376 0.93 -22.24 -4.58
C ASP A 376 0.89 -23.06 -3.26
N LEU A 377 -0.32 -23.31 -2.74
CA LEU A 377 -0.45 -23.95 -1.44
C LEU A 377 -0.27 -25.46 -1.52
N ASP A 378 -0.54 -26.03 -2.68
CA ASP A 378 -0.35 -27.47 -2.90
C ASP A 378 1.14 -27.78 -2.87
N ARG A 379 1.92 -26.86 -3.44
CA ARG A 379 3.36 -26.92 -3.37
C ARG A 379 3.85 -26.72 -1.93
N LEU A 380 3.27 -25.77 -1.23
CA LEU A 380 3.56 -25.54 0.19
C LEU A 380 3.26 -26.78 1.06
N ALA A 381 2.19 -27.50 0.70
CA ALA A 381 1.74 -28.67 1.45
C ALA A 381 2.72 -29.84 1.32
N LYS A 382 3.42 -29.88 0.20
CA LYS A 382 4.38 -30.94 -0.07
C LYS A 382 5.79 -30.57 0.40
N VAL A 383 5.94 -29.38 0.96
CA VAL A 383 7.24 -28.95 1.44
C VAL A 383 7.77 -29.97 2.48
N GLU A 384 9.04 -30.37 2.35
CA GLU A 384 9.68 -31.12 3.41
C GLU A 384 10.68 -30.21 4.15
N VAL A 385 10.48 -30.07 5.46
CA VAL A 385 11.16 -29.01 6.20
C VAL A 385 12.55 -29.41 6.74
N GLN A 386 13.54 -28.56 6.47
CA GLN A 386 14.89 -28.73 7.00
C GLN A 386 15.00 -28.00 8.34
N TYR A 387 15.37 -28.73 9.37
CA TYR A 387 15.46 -28.17 10.72
C TYR A 387 16.88 -28.11 11.23
N ALA A 388 17.20 -27.05 11.98
CA ALA A 388 18.35 -27.08 12.87
C ALA A 388 17.83 -27.43 14.26
N THR A 389 18.64 -28.13 15.05
CA THR A 389 18.24 -28.44 16.41
C THR A 389 19.17 -27.75 17.40
N LEU A 390 18.61 -26.97 18.33
CA LEU A 390 19.40 -26.19 19.28
C LEU A 390 19.15 -26.70 20.68
N PRO A 391 20.20 -26.73 21.51
CA PRO A 391 20.02 -27.21 22.88
C PRO A 391 19.17 -26.23 23.68
N GLY A 392 18.27 -26.72 24.54
CA GLY A 392 17.46 -25.84 25.36
C GLY A 392 18.29 -25.25 26.51
N TRP A 393 17.69 -24.38 27.30
CA TRP A 393 18.38 -23.79 28.44
C TRP A 393 17.82 -24.29 29.74
N LYS A 394 16.63 -24.90 29.65
CA LYS A 394 15.99 -25.59 30.77
C LYS A 394 16.03 -24.80 32.05
N THR A 395 15.61 -23.54 31.96
CA THR A 395 15.64 -22.64 33.10
C THR A 395 14.66 -21.46 32.91
N ASP A 396 14.22 -20.87 34.02
CA ASP A 396 13.18 -19.86 34.01
C ASP A 396 13.77 -18.49 33.65
N ILE A 397 13.45 -18.01 32.46
CA ILE A 397 13.98 -16.72 32.03
C ILE A 397 13.02 -15.55 32.28
N SER A 398 11.91 -15.83 32.97
CA SER A 398 10.83 -14.85 33.11
C SER A 398 11.19 -13.61 33.93
N ASN A 399 12.26 -13.69 34.72
CA ASN A 399 12.68 -12.57 35.55
C ASN A 399 13.99 -11.91 35.12
N CYS A 400 14.47 -12.29 33.95
CA CYS A 400 15.61 -11.60 33.36
C CYS A 400 15.20 -10.19 32.98
N LYS A 401 16.09 -9.21 33.16
CA LYS A 401 15.79 -7.84 32.80
C LYS A 401 16.90 -7.19 31.96
N THR A 402 18.01 -7.91 31.80
CA THR A 402 19.02 -7.51 30.81
C THR A 402 19.43 -8.71 29.97
N TYR A 403 20.01 -8.44 28.80
CA TYR A 403 20.49 -9.48 27.90
C TYR A 403 21.50 -10.40 28.59
N GLU A 404 22.32 -9.84 29.47
CA GLU A 404 23.42 -10.58 30.06
C GLU A 404 22.95 -11.61 31.08
N GLU A 405 21.74 -11.44 31.61
CA GLU A 405 21.18 -12.39 32.57
C GLU A 405 20.60 -13.62 31.86
N PHE A 406 20.44 -13.55 30.54
CA PHE A 406 19.99 -14.70 29.77
C PHE A 406 20.96 -15.88 29.91
N PRO A 407 20.41 -17.10 29.97
CA PRO A 407 21.19 -18.36 29.95
C PRO A 407 21.94 -18.44 28.64
N GLU A 408 23.07 -19.15 28.61
CA GLU A 408 23.93 -19.16 27.43
C GLU A 408 23.17 -19.66 26.19
N ASN A 409 22.25 -20.58 26.38
CA ASN A 409 21.56 -21.16 25.24
C ASN A 409 20.33 -20.34 24.78
N ALA A 410 19.82 -19.45 25.62
CA ALA A 410 18.83 -18.46 25.18
C ALA A 410 19.52 -17.38 24.32
N LYS A 411 20.71 -16.96 24.75
CA LYS A 411 21.54 -16.07 23.94
C LYS A 411 21.81 -16.71 22.58
N ALA A 412 22.14 -18.01 22.58
CA ALA A 412 22.44 -18.71 21.33
C ALA A 412 21.23 -18.72 20.41
N TYR A 413 20.06 -18.92 20.99
CA TYR A 413 18.81 -18.94 20.24
C TYR A 413 18.56 -17.57 19.57
N ILE A 414 18.74 -16.50 20.34
CA ILE A 414 18.58 -15.16 19.81
C ILE A 414 19.60 -14.87 18.70
N LYS A 415 20.84 -15.29 18.95
CA LYS A 415 21.90 -14.97 18.01
C LYS A 415 21.68 -15.75 16.71
N PHE A 416 21.17 -16.98 16.84
CA PHE A 416 20.87 -17.83 15.70
C PHE A 416 19.82 -17.17 14.81
N ILE A 417 18.76 -16.68 15.43
CA ILE A 417 17.74 -15.91 14.71
C ILE A 417 18.32 -14.66 14.03
N GLU A 418 19.09 -13.87 14.78
CA GLU A 418 19.73 -12.67 14.25
C GLU A 418 20.61 -12.95 13.04
N ASP A 419 21.52 -13.93 13.20
CA ASP A 419 22.49 -14.27 12.18
C ASP A 419 21.82 -14.82 10.93
N TYR A 420 20.76 -15.60 11.11
CA TYR A 420 20.03 -16.18 9.98
C TYR A 420 19.29 -15.07 9.20
N LEU A 421 18.57 -14.20 9.88
CA LEU A 421 17.75 -13.21 9.18
C LEU A 421 18.56 -11.96 8.81
N GLY A 422 19.66 -11.71 9.52
CA GLY A 422 20.47 -10.53 9.25
C GLY A 422 19.81 -9.29 9.80
N VAL A 423 18.94 -9.48 10.79
CA VAL A 423 18.31 -8.35 11.45
C VAL A 423 18.45 -8.55 12.96
N LYS A 424 18.92 -7.53 13.66
CA LYS A 424 19.18 -7.63 15.09
C LYS A 424 17.90 -7.69 15.93
N VAL A 425 17.94 -8.46 17.01
CA VAL A 425 16.82 -8.52 17.94
C VAL A 425 17.00 -7.45 19.00
N GLN A 426 15.99 -6.59 19.14
CA GLN A 426 16.09 -5.41 19.99
C GLN A 426 15.28 -5.56 21.28
N TYR A 427 14.16 -6.28 21.21
CA TYR A 427 13.31 -6.50 22.37
C TYR A 427 13.01 -7.99 22.52
N VAL A 428 13.00 -8.49 23.75
CA VAL A 428 12.64 -9.90 24.01
C VAL A 428 11.56 -9.97 25.10
N GLY A 429 10.40 -10.53 24.77
CA GLY A 429 9.36 -10.76 25.78
C GLY A 429 9.62 -12.09 26.50
N VAL A 430 9.62 -12.06 27.83
CA VAL A 430 10.00 -13.25 28.63
C VAL A 430 8.95 -13.61 29.67
N GLY A 431 7.76 -13.05 29.53
CA GLY A 431 6.68 -13.36 30.44
C GLY A 431 5.40 -12.62 30.05
N PRO A 432 4.28 -12.99 30.69
CA PRO A 432 2.96 -12.42 30.40
C PRO A 432 2.80 -11.01 30.95
N GLY A 433 3.55 -10.69 32.00
CA GLY A 433 3.47 -9.40 32.65
C GLY A 433 4.00 -8.25 31.81
N ARG A 434 3.51 -7.05 32.10
CA ARG A 434 3.89 -5.82 31.41
C ARG A 434 5.38 -5.54 31.51
N ASP A 435 5.93 -5.78 32.71
CA ASP A 435 7.32 -5.49 33.02
C ASP A 435 8.28 -6.55 32.46
N GLN A 436 7.75 -7.66 31.96
CA GLN A 436 8.60 -8.81 31.65
C GLN A 436 9.17 -8.82 30.23
N ASN A 437 10.04 -7.86 29.93
CA ASN A 437 10.72 -7.83 28.65
C ASN A 437 12.14 -7.27 28.79
N VAL A 438 12.98 -7.57 27.81
CA VAL A 438 14.35 -7.10 27.84
C VAL A 438 14.63 -6.24 26.62
N ILE A 439 15.13 -5.03 26.85
CA ILE A 439 15.56 -4.17 25.76
C ILE A 439 17.06 -4.39 25.56
N ILE A 440 17.45 -4.83 24.38
CA ILE A 440 18.85 -5.15 24.11
C ILE A 440 19.70 -3.93 23.71
N PHE A 441 19.13 -2.99 22.95
CA PHE A 441 19.89 -1.80 22.61
C PHE A 441 19.03 -0.57 22.31
N PRO B 16 20.93 6.00 -10.34
CA PRO B 16 20.42 5.82 -8.97
C PRO B 16 19.98 4.38 -8.70
N GLU B 17 20.81 3.57 -8.05
CA GLU B 17 20.46 2.21 -7.65
C GLU B 17 19.22 2.15 -6.75
N GLY B 18 18.32 1.22 -7.03
CA GLY B 18 17.09 1.14 -6.28
C GLY B 18 15.91 1.54 -7.14
N VAL B 19 14.87 2.06 -6.51
CA VAL B 19 13.61 2.21 -7.22
C VAL B 19 13.32 3.68 -7.60
N THR B 20 13.09 3.90 -8.90
CA THR B 20 12.57 5.17 -9.40
C THR B 20 11.11 4.99 -9.79
N VAL B 21 10.24 5.84 -9.26
CA VAL B 21 8.81 5.70 -9.53
C VAL B 21 8.27 6.89 -10.33
N VAL B 22 7.43 6.61 -11.33
CA VAL B 22 6.77 7.66 -12.10
C VAL B 22 5.25 7.62 -11.88
N LEU B 23 4.70 8.66 -11.27
CA LEU B 23 3.28 8.72 -10.94
C LEU B 23 2.57 9.89 -11.65
N GLY B 24 1.37 9.63 -12.15
CA GLY B 24 0.48 10.68 -12.62
C GLY B 24 0.03 11.48 -11.42
N ALA B 25 0.06 12.80 -11.54
CA ALA B 25 -0.16 13.65 -10.38
C ALA B 25 -1.57 14.16 -10.30
N GLN B 26 -2.28 14.14 -11.43
CA GLN B 26 -3.62 14.76 -11.48
C GLN B 26 -4.71 13.71 -11.70
N TRP B 27 -5.53 13.91 -12.73
CA TRP B 27 -6.57 12.92 -13.08
C TRP B 27 -6.21 12.12 -14.34
N GLY B 28 -4.93 11.96 -14.63
CA GLY B 28 -4.54 11.09 -15.72
C GLY B 28 -4.28 11.78 -17.03
N ASP B 29 -3.80 11.00 -17.99
CA ASP B 29 -3.49 11.49 -19.32
C ASP B 29 -2.51 12.65 -19.24
N GLU B 30 -1.60 12.60 -18.27
CA GLU B 30 -0.65 13.71 -18.15
C GLU B 30 0.43 13.54 -19.21
N GLY B 31 0.51 12.34 -19.77
CA GLY B 31 1.49 12.04 -20.80
C GLY B 31 2.84 11.62 -20.23
N LYS B 32 2.81 10.65 -19.32
CA LYS B 32 4.02 10.21 -18.63
C LYS B 32 4.92 9.33 -19.51
N GLY B 33 4.39 8.89 -20.65
CA GLY B 33 5.07 7.98 -21.55
C GLY B 33 6.47 8.41 -21.94
N LYS B 34 6.64 9.68 -22.28
CA LYS B 34 7.94 10.18 -22.73
C LYS B 34 8.98 10.20 -21.60
N LEU B 35 8.54 10.52 -20.38
CA LEU B 35 9.46 10.50 -19.26
C LEU B 35 9.92 9.08 -18.98
N VAL B 36 8.96 8.15 -18.94
CA VAL B 36 9.26 6.74 -18.69
C VAL B 36 10.23 6.23 -19.71
N ASP B 37 9.96 6.56 -20.96
CA ASP B 37 10.85 6.22 -22.05
C ASP B 37 12.26 6.79 -21.86
N ILE B 38 12.37 8.06 -21.45
CA ILE B 38 13.67 8.63 -21.12
C ILE B 38 14.34 7.89 -19.97
N LEU B 39 13.56 7.60 -18.93
CA LEU B 39 14.11 6.97 -17.75
C LEU B 39 14.41 5.48 -18.00
N ALA B 40 13.66 4.86 -18.89
CA ALA B 40 13.83 3.44 -19.15
C ALA B 40 15.20 3.14 -19.74
N ALA B 41 15.81 4.15 -20.37
CA ALA B 41 17.13 3.97 -20.99
C ALA B 41 18.22 3.69 -19.94
N GLU B 42 17.96 4.09 -18.70
CA GLU B 42 18.92 3.89 -17.60
C GLU B 42 18.38 2.89 -16.56
N ALA B 43 17.44 2.04 -16.98
CA ALA B 43 16.81 1.10 -16.06
C ALA B 43 17.01 -0.34 -16.51
N ASP B 44 17.33 -1.22 -15.56
CA ASP B 44 17.45 -2.65 -15.81
C ASP B 44 16.09 -3.34 -15.87
N ILE B 45 15.20 -2.90 -14.98
CA ILE B 45 13.85 -3.46 -14.89
C ILE B 45 12.80 -2.35 -14.98
N CYS B 46 11.73 -2.65 -15.72
CA CYS B 46 10.56 -1.76 -15.79
C CYS B 46 9.35 -2.53 -15.31
N ALA B 47 8.60 -1.92 -14.39
CA ALA B 47 7.58 -2.67 -13.65
C ALA B 47 6.24 -1.95 -13.53
N ARG B 48 5.17 -2.74 -13.62
CA ARG B 48 3.84 -2.32 -13.19
C ARG B 48 3.56 -2.92 -11.80
N CYS B 49 3.03 -2.11 -10.89
CA CYS B 49 2.86 -2.54 -9.51
C CYS B 49 1.40 -2.75 -9.15
N ALA B 50 0.50 -2.00 -9.80
CA ALA B 50 -0.93 -2.02 -9.46
C ALA B 50 -1.79 -1.64 -10.66
N GLY B 51 -3.10 -1.82 -10.52
CA GLY B 51 -4.04 -1.46 -11.58
C GLY B 51 -4.22 -2.57 -12.60
N GLY B 52 -4.97 -2.28 -13.66
CA GLY B 52 -5.22 -3.26 -14.71
C GLY B 52 -4.69 -2.78 -16.04
N ASN B 53 -5.31 -3.24 -17.13
CA ASN B 53 -4.93 -2.72 -18.44
C ASN B 53 -5.89 -1.56 -18.79
N ASN B 54 -5.81 -0.52 -17.97
CA ASN B 54 -6.85 0.50 -17.91
C ASN B 54 -6.28 1.89 -18.20
N ALA B 55 -4.97 1.94 -18.46
CA ALA B 55 -4.30 3.22 -18.69
C ALA B 55 -3.52 3.12 -19.99
N GLY B 56 -4.23 2.73 -21.05
CA GLY B 56 -3.70 2.65 -22.39
C GLY B 56 -3.05 3.92 -22.89
N HIS B 57 -1.85 3.79 -23.47
CA HIS B 57 -1.12 4.94 -23.97
C HIS B 57 -0.07 4.49 -24.98
N THR B 58 0.28 5.39 -25.89
CA THR B 58 1.15 5.06 -27.01
C THR B 58 2.34 6.00 -27.02
N ILE B 59 3.50 5.49 -27.44
CA ILE B 59 4.67 6.31 -27.63
C ILE B 59 5.25 6.02 -29.00
N VAL B 60 5.68 7.06 -29.72
CA VAL B 60 6.19 6.87 -31.09
C VAL B 60 7.70 7.02 -31.13
N VAL B 61 8.36 6.03 -31.75
CA VAL B 61 9.82 5.95 -31.85
C VAL B 61 10.25 5.56 -33.27
N ARG B 62 11.47 5.94 -33.66
CA ARG B 62 12.05 5.49 -34.92
C ARG B 62 12.49 4.02 -34.86
N THR B 69 7.23 4.98 -36.07
CA THR B 69 6.74 3.67 -35.61
C THR B 69 6.06 3.75 -34.25
N SER B 70 4.82 3.27 -34.17
CA SER B 70 4.01 3.47 -32.97
C SER B 70 3.82 2.18 -32.15
N TYR B 71 4.12 2.27 -30.86
CA TYR B 71 4.07 1.12 -29.97
C TYR B 71 3.00 1.29 -28.89
N ALA B 72 1.98 0.44 -28.91
CA ALA B 72 0.89 0.54 -27.94
C ALA B 72 1.19 -0.24 -26.65
N PHE B 73 1.13 0.44 -25.51
CA PHE B 73 1.30 -0.21 -24.22
C PHE B 73 0.08 -0.05 -23.33
N ASN B 74 -0.34 -1.12 -22.68
CA ASN B 74 -1.53 -1.05 -21.85
C ASN B 74 -1.29 -1.73 -20.51
N LEU B 75 -1.10 -3.05 -20.55
CA LEU B 75 -0.78 -3.81 -19.36
C LEU B 75 0.74 -3.87 -19.20
N LEU B 76 1.47 -4.00 -20.31
CA LEU B 76 2.92 -4.12 -20.25
C LEU B 76 3.61 -2.80 -19.99
N PRO B 77 4.70 -2.82 -19.19
CA PRO B 77 5.54 -1.64 -18.94
C PRO B 77 6.05 -1.10 -20.27
N SER B 78 5.88 0.20 -20.48
CA SER B 78 6.35 0.80 -21.73
C SER B 78 7.86 0.91 -21.79
N GLY B 79 8.54 0.60 -20.68
CA GLY B 79 9.99 0.60 -20.69
C GLY B 79 10.59 -0.42 -21.64
N LEU B 80 9.77 -1.35 -22.13
CA LEU B 80 10.21 -2.39 -23.06
C LEU B 80 10.81 -1.84 -24.36
N ILE B 81 10.57 -0.57 -24.64
CA ILE B 81 11.14 0.06 -25.82
C ILE B 81 12.68 0.11 -25.73
N ASN B 82 13.23 0.21 -24.52
CA ASN B 82 14.65 -0.07 -24.35
C ASN B 82 14.89 -1.58 -24.40
N PRO B 83 15.57 -2.04 -25.46
CA PRO B 83 15.75 -3.46 -25.77
C PRO B 83 16.41 -4.28 -24.68
N GLU B 84 17.20 -3.66 -23.81
CA GLU B 84 17.92 -4.42 -22.79
C GLU B 84 17.23 -4.47 -21.45
N CYS B 85 16.00 -3.97 -21.42
CA CYS B 85 15.24 -3.87 -20.21
C CYS B 85 14.41 -5.12 -19.97
N THR B 86 14.34 -5.57 -18.73
CA THR B 86 13.43 -6.66 -18.38
C THR B 86 12.13 -6.04 -17.86
N ALA B 87 10.98 -6.49 -18.37
CA ALA B 87 9.72 -5.98 -17.88
C ALA B 87 9.14 -6.90 -16.80
N PHE B 88 8.53 -6.30 -15.79
CA PHE B 88 8.00 -7.06 -14.66
C PHE B 88 6.60 -6.65 -14.30
N ILE B 89 5.71 -7.64 -14.19
CA ILE B 89 4.36 -7.41 -13.69
C ILE B 89 4.24 -7.86 -12.22
N GLY B 90 4.03 -6.88 -11.32
CA GLY B 90 3.99 -7.11 -9.88
C GLY B 90 2.74 -7.79 -9.34
N SER B 91 2.75 -8.17 -8.06
CA SER B 91 1.63 -8.91 -7.47
C SER B 91 0.37 -8.07 -7.29
N GLY B 92 0.52 -6.76 -7.22
CA GLY B 92 -0.61 -5.85 -7.02
C GLY B 92 -1.48 -5.64 -8.25
N VAL B 93 -0.99 -6.09 -9.40
CA VAL B 93 -1.70 -5.93 -10.66
C VAL B 93 -2.86 -6.95 -10.81
N VAL B 94 -3.87 -6.62 -11.61
CA VAL B 94 -4.89 -7.59 -12.02
C VAL B 94 -4.76 -7.77 -13.52
N VAL B 95 -4.68 -9.03 -13.96
CA VAL B 95 -4.27 -9.35 -15.31
C VAL B 95 -5.32 -10.09 -16.10
N HIS B 96 -5.71 -9.52 -17.23
CA HIS B 96 -6.54 -10.22 -18.20
C HIS B 96 -5.63 -10.91 -19.20
N VAL B 97 -5.51 -12.23 -19.08
CA VAL B 97 -4.52 -12.98 -19.85
C VAL B 97 -4.65 -12.85 -21.37
N PRO B 98 -5.88 -12.94 -21.92
CA PRO B 98 -5.94 -12.77 -23.38
C PRO B 98 -5.50 -11.39 -23.88
N SER B 99 -5.84 -10.34 -23.15
CA SER B 99 -5.39 -8.98 -23.51
C SER B 99 -3.88 -8.87 -23.44
N LEU B 100 -3.31 -9.42 -22.36
CA LEU B 100 -1.87 -9.46 -22.17
C LEU B 100 -1.15 -10.00 -23.40
N PHE B 101 -1.60 -11.14 -23.91
CA PHE B 101 -0.95 -11.76 -25.06
C PHE B 101 -1.28 -11.09 -26.37
N ASN B 102 -2.50 -10.55 -26.47
CA ASN B 102 -2.87 -9.73 -27.62
C ASN B 102 -1.93 -8.52 -27.73
N GLU B 103 -1.71 -7.86 -26.59
CA GLU B 103 -0.80 -6.72 -26.51
C GLU B 103 0.65 -7.10 -26.82
N LEU B 104 1.10 -8.23 -26.25
CA LEU B 104 2.45 -8.73 -26.48
C LEU B 104 2.67 -9.07 -27.95
N ASP B 105 1.73 -9.80 -28.54
CA ASP B 105 1.85 -10.21 -29.93
C ASP B 105 1.87 -9.02 -30.87
N THR B 106 1.11 -7.98 -30.54
CA THR B 106 1.07 -6.79 -31.40
C THR B 106 2.43 -6.10 -31.41
N LEU B 107 3.06 -6.06 -30.24
CA LEU B 107 4.37 -5.44 -30.12
C LEU B 107 5.44 -6.23 -30.86
N GLU B 108 5.42 -7.56 -30.72
CA GLU B 108 6.47 -8.36 -31.34
C GLU B 108 6.35 -8.43 -32.86
N ARG B 109 5.13 -8.28 -33.36
CA ARG B 109 4.91 -8.29 -34.80
C ARG B 109 5.09 -6.84 -35.31
N LYS B 110 5.56 -5.97 -34.42
CA LYS B 110 6.06 -4.66 -34.80
C LYS B 110 7.58 -4.59 -34.58
N GLY B 111 8.19 -5.75 -34.38
CA GLY B 111 9.64 -5.86 -34.34
C GLY B 111 10.28 -5.62 -32.98
N LEU B 112 9.48 -5.66 -31.92
CA LEU B 112 10.02 -5.47 -30.58
C LEU B 112 10.02 -6.78 -29.80
N LYS B 113 11.21 -7.32 -29.51
CA LYS B 113 11.30 -8.61 -28.85
C LYS B 113 10.88 -8.48 -27.38
N VAL B 114 9.88 -9.26 -26.97
CA VAL B 114 9.31 -9.12 -25.63
C VAL B 114 9.43 -10.39 -24.79
N ALA B 115 9.12 -11.53 -25.39
CA ALA B 115 9.02 -12.82 -24.69
C ALA B 115 10.21 -13.21 -23.78
N GLY B 116 11.43 -12.90 -24.19
CA GLY B 116 12.58 -13.23 -23.36
C GLY B 116 12.84 -12.25 -22.22
N ARG B 117 12.05 -11.17 -22.16
CA ARG B 117 12.23 -10.09 -21.20
C ARG B 117 11.05 -9.83 -20.26
N LEU B 118 10.05 -10.70 -20.28
CA LEU B 118 8.83 -10.44 -19.53
C LEU B 118 8.61 -11.43 -18.39
N LEU B 119 8.46 -10.89 -17.18
CA LEU B 119 8.25 -11.71 -15.99
C LEU B 119 6.97 -11.32 -15.25
N VAL B 120 6.22 -12.32 -14.79
CA VAL B 120 4.94 -12.10 -14.12
C VAL B 120 4.91 -12.74 -12.72
N SER B 121 4.63 -11.93 -11.71
CA SER B 121 4.44 -12.43 -10.35
C SER B 121 3.34 -13.48 -10.35
N ASP B 122 3.60 -14.62 -9.72
CA ASP B 122 2.59 -15.68 -9.73
C ASP B 122 1.44 -15.36 -8.80
N ARG B 123 1.54 -14.24 -8.09
CA ARG B 123 0.51 -13.79 -7.15
C ARG B 123 -0.43 -12.73 -7.73
N ALA B 124 -0.16 -12.23 -8.94
CA ALA B 124 -1.05 -11.28 -9.57
C ALA B 124 -2.43 -11.91 -9.78
N HIS B 125 -3.49 -11.12 -9.63
CA HIS B 125 -4.81 -11.68 -9.82
C HIS B 125 -5.23 -11.70 -11.28
N LEU B 126 -6.22 -12.53 -11.59
CA LEU B 126 -6.69 -12.71 -12.96
C LEU B 126 -8.04 -12.05 -13.19
N VAL B 127 -8.13 -11.24 -14.26
CA VAL B 127 -9.44 -10.77 -14.71
C VAL B 127 -10.07 -11.82 -15.62
N MET B 128 -11.21 -12.34 -15.20
CA MET B 128 -11.89 -13.40 -15.95
C MET B 128 -12.98 -12.87 -16.88
N GLY B 129 -13.49 -13.75 -17.74
CA GLY B 129 -14.54 -13.36 -18.66
C GLY B 129 -15.77 -12.82 -17.95
N PHE B 130 -16.20 -13.51 -16.89
CA PHE B 130 -17.38 -13.09 -16.13
C PHE B 130 -17.13 -11.80 -15.36
N HIS B 131 -15.87 -11.42 -15.22
CA HIS B 131 -15.55 -10.11 -14.65
C HIS B 131 -15.97 -8.97 -15.62
N GLN B 132 -15.96 -9.25 -16.92
CA GLN B 132 -16.31 -8.25 -17.93
C GLN B 132 -17.82 -8.24 -18.21
N ILE B 133 -18.59 -8.82 -17.29
CA ILE B 133 -20.04 -8.87 -17.40
C ILE B 133 -20.73 -7.96 -16.36
N LYS B 152 -14.83 -3.99 -18.74
CA LYS B 152 -13.42 -4.33 -18.86
C LYS B 152 -12.98 -5.22 -17.67
N GLY B 153 -13.65 -5.06 -16.53
CA GLY B 153 -13.57 -6.02 -15.45
C GLY B 153 -12.53 -5.81 -14.36
N ILE B 154 -11.81 -4.69 -14.42
CA ILE B 154 -10.77 -4.39 -13.44
C ILE B 154 -11.35 -4.29 -12.04
N GLY B 155 -12.37 -3.46 -11.88
CA GLY B 155 -13.05 -3.31 -10.60
C GLY B 155 -13.54 -4.63 -10.04
N PRO B 156 -14.35 -5.38 -10.82
CA PRO B 156 -14.80 -6.69 -10.33
C PRO B 156 -13.66 -7.64 -9.92
N ALA B 157 -12.53 -7.58 -10.62
CA ALA B 157 -11.39 -8.43 -10.27
C ALA B 157 -10.86 -8.06 -8.90
N TYR B 158 -10.72 -6.75 -8.64
CA TYR B 158 -10.26 -6.29 -7.33
C TYR B 158 -11.28 -6.59 -6.24
N SER B 159 -12.55 -6.66 -6.62
CA SER B 159 -13.60 -7.05 -5.69
C SER B 159 -13.47 -8.53 -5.25
N SER B 160 -13.25 -9.42 -6.22
CA SER B 160 -13.03 -10.85 -5.93
C SER B 160 -11.79 -11.01 -5.06
N LYS B 161 -10.77 -10.19 -5.32
CA LYS B 161 -9.53 -10.23 -4.55
C LYS B 161 -9.81 -9.94 -3.07
N ALA B 162 -10.52 -8.85 -2.82
CA ALA B 162 -10.90 -8.50 -1.45
C ALA B 162 -11.75 -9.62 -0.82
N SER B 163 -12.52 -10.30 -1.65
CA SER B 163 -13.38 -11.40 -1.21
C SER B 163 -12.54 -12.67 -0.99
N ARG B 164 -11.34 -12.66 -1.58
CA ARG B 164 -10.41 -13.79 -1.53
C ARG B 164 -11.03 -14.99 -2.21
N SER B 165 -11.94 -14.72 -3.14
CA SER B 165 -12.49 -15.76 -4.00
C SER B 165 -11.95 -15.61 -5.42
N GLY B 166 -11.10 -14.60 -5.63
CA GLY B 166 -10.47 -14.40 -6.92
C GLY B 166 -9.41 -15.44 -7.20
N LEU B 167 -9.11 -15.64 -8.47
CA LEU B 167 -8.06 -16.57 -8.91
C LEU B 167 -6.80 -15.78 -9.29
N ARG B 168 -5.64 -16.35 -8.97
CA ARG B 168 -4.35 -15.69 -9.21
C ARG B 168 -3.59 -16.47 -10.27
N VAL B 169 -2.44 -15.94 -10.69
CA VAL B 169 -1.68 -16.53 -11.79
C VAL B 169 -1.26 -17.99 -11.49
N HIS B 170 -0.87 -18.29 -10.26
CA HIS B 170 -0.45 -19.65 -9.93
C HIS B 170 -1.59 -20.66 -10.07
N HIS B 171 -2.85 -20.21 -9.97
CA HIS B 171 -3.98 -21.12 -10.11
C HIS B 171 -4.05 -21.72 -11.53
N LEU B 172 -3.46 -21.02 -12.51
CA LEU B 172 -3.50 -21.49 -13.88
C LEU B 172 -2.73 -22.80 -14.07
N PHE B 173 -1.87 -23.14 -13.12
CA PHE B 173 -1.05 -24.34 -13.21
C PHE B 173 -1.47 -25.32 -12.10
N ASP B 174 -2.60 -25.01 -11.46
CA ASP B 174 -3.23 -25.80 -10.41
C ASP B 174 -4.27 -26.74 -11.04
N PRO B 175 -4.14 -28.06 -10.82
CA PRO B 175 -5.08 -29.01 -11.45
C PRO B 175 -6.54 -28.85 -11.01
N THR B 176 -6.80 -28.09 -9.97
CA THR B 176 -8.18 -27.85 -9.51
C THR B 176 -8.75 -26.57 -10.13
N PHE B 177 -8.01 -25.95 -11.03
CA PHE B 177 -8.45 -24.72 -11.70
C PHE B 177 -9.81 -24.85 -12.41
N PRO B 178 -9.99 -25.91 -13.22
CA PRO B 178 -11.30 -25.95 -13.88
C PRO B 178 -12.43 -26.02 -12.87
N ALA B 179 -12.28 -26.83 -11.83
CA ALA B 179 -13.35 -27.00 -10.85
C ALA B 179 -13.80 -25.68 -10.21
N LYS B 180 -12.87 -24.91 -9.64
CA LYS B 180 -13.29 -23.74 -8.87
C LYS B 180 -13.56 -22.55 -9.78
N PHE B 181 -13.26 -22.73 -11.07
CA PHE B 181 -13.69 -21.76 -12.06
C PHE B 181 -15.18 -21.90 -12.28
N ARG B 182 -15.66 -23.14 -12.33
CA ARG B 182 -17.07 -23.40 -12.60
C ARG B 182 -17.99 -22.84 -11.51
N LYS B 183 -17.42 -22.58 -10.35
CA LYS B 183 -18.22 -22.10 -9.22
C LYS B 183 -18.72 -20.67 -9.39
N LEU B 184 -18.82 -20.21 -10.63
CA LEU B 184 -19.57 -18.99 -10.93
C LEU B 184 -20.15 -19.03 -12.33
N MET B 205 -9.40 -23.07 -22.67
CA MET B 205 -8.87 -21.85 -23.29
C MET B 205 -7.83 -21.13 -22.40
N TYR B 206 -8.13 -20.94 -21.11
CA TYR B 206 -7.13 -20.39 -20.19
C TYR B 206 -5.98 -21.36 -20.04
N LEU B 207 -6.31 -22.65 -20.05
CA LEU B 207 -5.31 -23.70 -19.97
C LEU B 207 -4.36 -23.61 -21.16
N ALA B 208 -4.90 -23.20 -22.30
CA ALA B 208 -4.07 -22.96 -23.48
C ALA B 208 -3.13 -21.77 -23.23
N PHE B 209 -3.67 -20.68 -22.67
CA PHE B 209 -2.86 -19.49 -22.34
C PHE B 209 -1.83 -19.75 -21.24
N ALA B 210 -2.16 -20.63 -20.31
CA ALA B 210 -1.26 -21.00 -19.21
C ALA B 210 0.09 -21.47 -19.73
N GLU B 211 0.09 -22.18 -20.86
CA GLU B 211 1.32 -22.73 -21.41
C GLU B 211 2.21 -21.62 -21.97
N ARG B 212 1.61 -20.67 -22.68
CA ARG B 212 2.36 -19.53 -23.19
C ARG B 212 2.86 -18.63 -22.06
N LEU B 213 2.09 -18.58 -20.99
CA LEU B 213 2.41 -17.78 -19.82
C LEU B 213 3.50 -18.43 -18.94
N ARG B 214 3.56 -19.77 -18.91
CA ARG B 214 4.42 -20.50 -17.99
C ARG B 214 5.88 -19.98 -17.89
N PRO B 215 6.57 -19.76 -19.03
CA PRO B 215 7.93 -19.26 -18.87
C PRO B 215 8.06 -17.79 -18.36
N PHE B 216 6.96 -17.06 -18.28
CA PHE B 216 7.03 -15.69 -17.77
C PHE B 216 6.94 -15.66 -16.27
N ILE B 217 6.45 -16.75 -15.68
CA ILE B 217 6.06 -16.74 -14.29
C ILE B 217 7.26 -16.71 -13.35
N VAL B 218 7.23 -15.81 -12.37
CA VAL B 218 8.23 -15.80 -11.31
C VAL B 218 7.53 -15.60 -9.98
N ASP B 219 8.26 -15.85 -8.90
CA ASP B 219 7.86 -15.47 -7.56
C ASP B 219 8.26 -14.02 -7.40
N GLY B 220 7.26 -13.12 -7.35
CA GLY B 220 7.50 -11.69 -7.37
C GLY B 220 8.42 -11.13 -6.30
N PRO B 221 8.10 -11.37 -5.02
CA PRO B 221 8.97 -10.94 -3.93
C PRO B 221 10.43 -11.34 -4.14
N THR B 222 10.68 -12.55 -4.61
CA THR B 222 12.06 -13.00 -4.78
C THR B 222 12.78 -12.28 -5.90
N PHE B 223 12.13 -12.20 -7.06
CA PHE B 223 12.74 -11.55 -8.20
C PHE B 223 13.18 -10.13 -7.83
N MET B 224 12.28 -9.40 -7.19
CA MET B 224 12.51 -7.99 -6.88
C MET B 224 13.60 -7.84 -5.81
N HIS B 225 13.55 -8.70 -4.81
CA HIS B 225 14.58 -8.70 -3.78
C HIS B 225 15.98 -8.96 -4.36
N ASN B 226 16.07 -9.94 -5.27
CA ASN B 226 17.34 -10.25 -5.93
C ASN B 226 17.81 -9.08 -6.79
N ALA B 227 16.87 -8.44 -7.46
CA ALA B 227 17.16 -7.26 -8.26
C ALA B 227 17.75 -6.18 -7.37
N LEU B 228 17.06 -5.87 -6.29
CA LEU B 228 17.55 -4.83 -5.40
C LEU B 228 18.91 -5.21 -4.82
N SER B 229 19.08 -6.47 -4.40
CA SER B 229 20.33 -6.96 -3.79
C SER B 229 21.53 -6.84 -4.69
N SER B 230 21.34 -7.21 -5.95
CA SER B 230 22.42 -7.18 -6.94
C SER B 230 22.57 -5.79 -7.57
N GLY B 231 21.86 -4.82 -7.03
CA GLY B 231 22.07 -3.43 -7.39
C GLY B 231 21.43 -2.97 -8.68
N LYS B 232 20.34 -3.62 -9.10
CA LYS B 232 19.61 -3.19 -10.29
C LYS B 232 18.93 -1.82 -10.10
N ARG B 233 18.82 -1.06 -11.17
CA ARG B 233 18.00 0.17 -11.16
C ARG B 233 16.62 -0.18 -11.68
N VAL B 234 15.62 -0.01 -10.83
CA VAL B 234 14.27 -0.44 -11.16
C VAL B 234 13.36 0.77 -11.38
N LEU B 235 12.66 0.77 -12.51
CA LEU B 235 11.74 1.86 -12.86
C LEU B 235 10.30 1.37 -12.75
N VAL B 236 9.49 2.09 -11.98
CA VAL B 236 8.09 1.73 -11.83
C VAL B 236 7.14 2.74 -12.54
N GLU B 237 6.27 2.21 -13.38
CA GLU B 237 5.29 3.03 -14.08
C GLU B 237 3.94 3.00 -13.39
N GLY B 238 3.63 4.04 -12.63
CA GLY B 238 2.32 4.15 -12.00
C GLY B 238 1.20 4.15 -13.01
N ALA B 239 0.11 3.47 -12.69
CA ALA B 239 -1.04 3.50 -13.60
C ALA B 239 -1.95 4.66 -13.24
N ASN B 240 -2.56 5.26 -14.26
CA ASN B 240 -3.46 6.40 -14.04
C ASN B 240 -2.79 7.51 -13.22
N ALA B 241 -3.43 7.95 -12.15
CA ALA B 241 -2.95 9.14 -11.46
C ALA B 241 -3.54 9.32 -10.07
N LEU B 242 -2.93 10.23 -9.31
CA LEU B 242 -3.26 10.46 -7.91
C LEU B 242 -4.76 10.72 -7.65
N MET B 243 -5.35 11.63 -8.42
CA MET B 243 -6.76 11.98 -8.17
C MET B 243 -7.73 10.89 -8.60
N LEU B 244 -7.19 9.79 -9.14
CA LEU B 244 -7.99 8.62 -9.44
C LEU B 244 -7.69 7.48 -8.45
N ASP B 245 -6.91 7.77 -7.40
CA ASP B 245 -6.55 6.78 -6.37
C ASP B 245 -7.77 6.30 -5.58
N LEU B 246 -7.83 4.99 -5.31
CA LEU B 246 -8.99 4.41 -4.63
C LEU B 246 -9.22 5.07 -3.28
N ASP B 247 -8.16 5.36 -2.54
CA ASP B 247 -8.32 6.02 -1.24
C ASP B 247 -8.46 7.54 -1.35
N TYR B 248 -7.58 8.15 -2.13
CA TYR B 248 -7.31 9.57 -1.99
C TYR B 248 -7.83 10.44 -3.14
N GLY B 249 -8.41 9.80 -4.15
CA GLY B 249 -8.96 10.52 -5.29
C GLY B 249 -10.36 11.04 -5.01
N THR B 250 -11.02 11.52 -6.07
CA THR B 250 -12.38 12.04 -5.97
C THR B 250 -13.40 10.88 -5.92
N TYR B 251 -13.29 10.05 -4.89
CA TYR B 251 -14.21 8.93 -4.68
C TYR B 251 -15.64 9.44 -4.72
N PRO B 252 -16.56 8.71 -5.38
CA PRO B 252 -16.38 7.41 -6.05
C PRO B 252 -15.87 7.47 -7.50
N PHE B 253 -15.51 8.66 -7.98
CA PHE B 253 -15.00 8.81 -9.34
C PHE B 253 -13.50 8.56 -9.36
N VAL B 254 -13.13 7.32 -9.07
CA VAL B 254 -11.73 6.91 -9.01
C VAL B 254 -11.59 5.49 -9.59
N THR B 255 -10.36 4.97 -9.70
CA THR B 255 -10.19 3.57 -10.09
C THR B 255 -10.30 2.66 -8.86
N SER B 256 -10.20 1.35 -9.07
CA SER B 256 -10.50 0.41 -8.02
C SER B 256 -9.25 -0.06 -7.28
N SER B 257 -8.15 0.67 -7.40
CA SER B 257 -6.95 0.29 -6.64
C SER B 257 -6.06 1.50 -6.38
N SER B 258 -4.93 1.28 -5.73
CA SER B 258 -3.99 2.38 -5.52
C SER B 258 -3.29 2.82 -6.81
N THR B 259 -3.24 4.14 -7.03
CA THR B 259 -2.50 4.71 -8.14
C THR B 259 -1.31 5.48 -7.59
N SER B 260 -1.20 5.51 -6.27
CA SER B 260 -0.19 6.31 -5.59
C SER B 260 1.00 5.50 -5.06
N ILE B 261 1.87 6.16 -4.32
CA ILE B 261 3.18 5.61 -3.99
C ILE B 261 3.07 4.34 -3.10
N GLY B 262 2.03 4.28 -2.25
CA GLY B 262 1.80 3.11 -1.41
C GLY B 262 1.51 1.85 -2.21
N GLY B 263 0.86 2.04 -3.36
CA GLY B 263 0.55 0.96 -4.27
C GLY B 263 1.80 0.36 -4.87
N VAL B 264 2.85 1.18 -4.95
CA VAL B 264 4.14 0.70 -5.42
C VAL B 264 4.79 -0.19 -4.35
N VAL B 265 4.80 0.27 -3.10
CA VAL B 265 5.37 -0.50 -2.01
C VAL B 265 4.63 -1.85 -1.83
N SER B 266 3.30 -1.79 -1.80
CA SER B 266 2.44 -2.97 -1.70
C SER B 266 2.56 -3.86 -2.91
N GLY B 267 2.43 -3.26 -4.10
CA GLY B 267 2.38 -3.99 -5.36
C GLY B 267 3.67 -4.68 -5.80
N LEU B 268 4.82 -4.20 -5.32
CA LEU B 268 6.09 -4.88 -5.59
C LEU B 268 6.60 -5.66 -4.38
N GLY B 269 5.97 -5.47 -3.23
CA GLY B 269 6.35 -6.15 -2.00
C GLY B 269 7.75 -5.77 -1.58
N ILE B 270 8.06 -4.47 -1.61
CA ILE B 270 9.38 -4.02 -1.22
C ILE B 270 9.33 -3.12 0.00
N SER B 271 10.51 -2.82 0.57
CA SER B 271 10.63 -1.87 1.67
C SER B 271 10.45 -0.42 1.18
N PRO B 272 9.80 0.44 1.98
CA PRO B 272 9.74 1.88 1.62
C PRO B 272 11.16 2.44 1.46
N PHE B 273 12.13 1.81 2.13
CA PHE B 273 13.54 2.25 2.05
C PHE B 273 14.15 2.06 0.67
N ALA B 274 13.54 1.23 -0.18
CA ALA B 274 14.12 0.97 -1.50
C ALA B 274 13.68 2.00 -2.54
N ILE B 275 12.68 2.83 -2.19
CA ILE B 275 12.23 3.93 -3.05
C ILE B 275 13.23 5.08 -2.99
N LYS B 276 13.86 5.41 -4.12
CA LYS B 276 14.83 6.51 -4.13
C LYS B 276 14.27 7.80 -4.72
N ARG B 277 13.54 7.68 -5.82
CA ARG B 277 12.98 8.82 -6.52
C ARG B 277 11.50 8.61 -6.77
N VAL B 278 10.73 9.69 -6.63
CA VAL B 278 9.32 9.73 -6.98
C VAL B 278 9.04 10.97 -7.85
N VAL B 279 8.93 10.75 -9.15
CA VAL B 279 8.75 11.84 -10.07
C VAL B 279 7.27 11.95 -10.44
N GLY B 280 6.67 13.08 -10.06
CA GLY B 280 5.27 13.36 -10.38
C GLY B 280 5.12 13.95 -11.77
N VAL B 281 4.21 13.39 -12.55
CA VAL B 281 3.93 13.94 -13.86
C VAL B 281 2.78 14.93 -13.79
N ILE B 282 3.09 16.22 -14.04
CA ILE B 282 2.10 17.28 -13.90
C ILE B 282 1.85 17.98 -15.23
N LYS B 283 0.64 17.83 -15.75
CA LYS B 283 0.34 18.47 -17.01
C LYS B 283 0.13 19.99 -16.75
N ALA B 284 0.62 20.79 -17.68
CA ALA B 284 0.63 22.26 -17.57
C ALA B 284 -0.77 22.87 -17.45
N TYR B 285 -1.78 22.08 -17.78
CA TYR B 285 -3.20 22.41 -17.54
C TYR B 285 -3.89 21.11 -17.08
N THR B 286 -5.12 21.21 -16.61
CA THR B 286 -5.80 20.03 -16.06
C THR B 286 -6.82 19.40 -17.02
N THR B 287 -6.85 18.08 -17.07
CA THR B 287 -7.94 17.38 -17.77
C THR B 287 -8.63 16.32 -16.90
N ARG B 288 -9.88 16.02 -17.24
CA ARG B 288 -10.64 14.94 -16.62
C ARG B 288 -11.46 14.24 -17.68
N VAL B 289 -11.75 12.96 -17.40
CA VAL B 289 -12.50 12.11 -18.31
C VAL B 289 -13.88 11.79 -17.75
N GLY B 290 -13.92 11.54 -16.45
CA GLY B 290 -15.14 11.12 -15.77
C GLY B 290 -15.98 12.27 -15.25
N GLY B 291 -17.05 11.92 -14.52
CA GLY B 291 -17.89 12.89 -13.87
C GLY B 291 -17.36 13.34 -12.52
N GLY B 292 -18.23 13.96 -11.74
CA GLY B 292 -17.83 14.59 -10.50
C GLY B 292 -17.26 15.97 -10.75
N PRO B 293 -17.01 16.73 -9.68
CA PRO B 293 -16.58 18.12 -9.87
C PRO B 293 -15.21 18.25 -10.51
N PHE B 294 -14.94 19.45 -11.03
CA PHE B 294 -13.70 19.78 -11.71
C PHE B 294 -13.58 21.29 -11.60
N PRO B 295 -13.04 21.77 -10.47
CA PRO B 295 -13.01 23.19 -10.08
C PRO B 295 -12.46 24.16 -11.15
N THR B 296 -11.42 23.79 -11.87
CA THR B 296 -10.87 24.74 -12.86
C THR B 296 -11.38 24.49 -14.29
N GLU B 297 -12.40 23.64 -14.44
CA GLU B 297 -12.94 23.35 -15.77
C GLU B 297 -13.43 24.61 -16.49
N ASP B 298 -13.10 24.72 -17.77
CA ASP B 298 -13.61 25.79 -18.60
C ASP B 298 -14.54 25.24 -19.69
N LEU B 299 -15.77 25.75 -19.74
CA LEU B 299 -16.76 25.24 -20.69
C LEU B 299 -16.91 26.14 -21.91
N ALA B 300 -15.97 27.07 -22.10
CA ALA B 300 -16.04 27.98 -23.25
C ALA B 300 -14.76 27.88 -24.06
N THR B 301 -14.28 29.03 -24.52
CA THR B 301 -13.22 29.09 -25.50
C THR B 301 -11.89 28.55 -25.00
N VAL B 302 -11.53 28.85 -23.75
CA VAL B 302 -10.31 28.30 -23.19
C VAL B 302 -10.32 26.76 -23.16
N GLY B 303 -11.44 26.20 -22.71
CA GLY B 303 -11.60 24.76 -22.65
C GLY B 303 -11.43 24.16 -24.04
N GLU B 304 -12.06 24.78 -25.03
CA GLU B 304 -11.98 24.29 -26.40
C GLU B 304 -10.59 24.42 -27.02
N THR B 305 -9.85 25.45 -26.62
CA THR B 305 -8.50 25.65 -27.14
C THR B 305 -7.59 24.56 -26.56
N LEU B 306 -7.67 24.34 -25.24
CA LEU B 306 -6.93 23.24 -24.60
C LEU B 306 -7.30 21.91 -25.27
N GLN B 307 -8.59 21.66 -25.43
CA GLN B 307 -9.07 20.44 -26.07
C GLN B 307 -8.43 20.24 -27.42
N GLU B 308 -8.49 21.27 -28.27
CA GLU B 308 -8.05 21.13 -29.65
C GLU B 308 -6.52 21.15 -29.77
N VAL B 309 -5.87 22.16 -29.19
CA VAL B 309 -4.42 22.27 -29.30
C VAL B 309 -3.70 21.11 -28.57
N GLY B 310 -4.29 20.63 -27.49
CA GLY B 310 -3.69 19.54 -26.72
C GLY B 310 -4.08 18.17 -27.21
N ALA B 311 -4.87 18.13 -28.29
CA ALA B 311 -5.43 16.90 -28.85
C ALA B 311 -5.97 16.03 -27.72
N GLU B 312 -6.82 16.64 -26.89
CA GLU B 312 -7.30 15.95 -25.69
C GLU B 312 -8.57 15.15 -25.94
N TYR B 313 -8.40 14.02 -26.64
CA TYR B 313 -9.48 13.05 -26.87
C TYR B 313 -8.98 11.62 -26.64
N GLY B 314 -9.89 10.74 -26.22
CA GLY B 314 -9.60 9.33 -26.03
C GLY B 314 -9.22 8.66 -27.35
N GLY B 318 -13.06 8.33 -28.89
CA GLY B 318 -12.95 9.58 -29.64
C GLY B 318 -13.46 10.81 -28.90
N ARG B 319 -14.00 10.60 -27.70
CA ARG B 319 -14.68 11.66 -26.93
C ARG B 319 -13.71 12.69 -26.34
N ARG B 320 -14.04 13.98 -26.49
CA ARG B 320 -13.23 15.08 -25.94
C ARG B 320 -13.07 14.98 -24.43
N ARG B 321 -11.88 15.27 -23.89
CA ARG B 321 -11.69 15.32 -22.43
C ARG B 321 -12.11 16.68 -21.90
N ARG B 322 -12.60 16.73 -20.65
CA ARG B 322 -12.90 17.98 -19.99
C ARG B 322 -11.56 18.68 -19.72
N CYS B 323 -11.46 19.97 -20.05
CA CYS B 323 -10.21 20.70 -19.87
C CYS B 323 -10.38 21.92 -19.00
N GLY B 324 -9.31 22.27 -18.30
CA GLY B 324 -9.34 23.38 -17.38
C GLY B 324 -7.96 23.94 -17.13
N TRP B 325 -7.88 25.08 -16.42
CA TRP B 325 -6.61 25.64 -16.02
C TRP B 325 -5.86 24.67 -15.11
N LEU B 326 -4.55 24.90 -14.99
CA LEU B 326 -3.72 24.24 -14.01
C LEU B 326 -4.26 24.46 -12.60
N ASP B 327 -4.37 23.40 -11.81
CA ASP B 327 -4.89 23.52 -10.46
C ASP B 327 -3.84 23.07 -9.48
N LEU B 328 -3.23 24.04 -8.81
CA LEU B 328 -2.14 23.74 -7.89
C LEU B 328 -2.64 23.36 -6.51
N VAL B 329 -3.95 23.56 -6.26
CA VAL B 329 -4.53 23.04 -5.03
C VAL B 329 -4.55 21.51 -5.12
N VAL B 330 -4.92 21.00 -6.29
CA VAL B 330 -4.84 19.59 -6.59
C VAL B 330 -3.40 19.12 -6.45
N MET B 331 -2.49 19.83 -7.09
CA MET B 331 -1.09 19.44 -7.05
C MET B 331 -0.49 19.48 -5.63
N LYS B 332 -0.95 20.41 -4.79
CA LYS B 332 -0.43 20.43 -3.42
C LYS B 332 -0.89 19.16 -2.66
N TYR B 333 -2.16 18.79 -2.84
CA TYR B 333 -2.69 17.60 -2.21
C TYR B 333 -1.98 16.35 -2.73
N SER B 334 -1.80 16.30 -4.05
CA SER B 334 -1.09 15.22 -4.71
C SER B 334 0.33 15.05 -4.18
N THR B 335 1.01 16.18 -4.01
CA THR B 335 2.37 16.20 -3.48
C THR B 335 2.40 15.66 -2.03
N MET B 336 1.36 15.99 -1.29
CA MET B 336 1.20 15.56 0.08
C MET B 336 1.12 14.04 0.19
N ILE B 337 0.35 13.42 -0.71
CA ILE B 337 0.18 11.97 -0.71
C ILE B 337 1.39 11.22 -1.26
N ASN B 338 1.99 11.74 -2.32
CA ASN B 338 3.01 11.00 -3.04
C ASN B 338 4.46 11.34 -2.71
N GLY B 339 4.70 12.51 -2.11
CA GLY B 339 6.05 12.89 -1.71
C GLY B 339 7.07 13.01 -2.86
N TYR B 340 6.63 13.63 -3.95
CA TYR B 340 7.45 13.81 -5.16
C TYR B 340 8.83 14.36 -4.83
N THR B 341 9.86 13.80 -5.43
CA THR B 341 11.21 14.31 -5.27
C THR B 341 11.56 15.30 -6.38
N SER B 342 10.86 15.15 -7.52
CA SER B 342 10.89 16.15 -8.59
C SER B 342 9.64 16.00 -9.48
N LEU B 343 9.47 16.93 -10.42
CA LEU B 343 8.27 16.99 -11.30
C LEU B 343 8.58 16.94 -12.79
N ASN B 344 7.66 16.35 -13.54
CA ASN B 344 7.71 16.37 -14.98
C ASN B 344 6.51 17.19 -15.45
N LEU B 345 6.81 18.41 -15.89
CA LEU B 345 5.81 19.32 -16.43
C LEU B 345 5.64 19.04 -17.90
N THR B 346 4.47 18.56 -18.28
CA THR B 346 4.24 18.11 -19.66
C THR B 346 3.34 19.03 -20.48
N LYS B 347 3.46 18.89 -21.81
CA LYS B 347 2.60 19.57 -22.76
C LYS B 347 2.58 21.08 -22.52
N LEU B 348 3.75 21.67 -22.28
CA LEU B 348 3.84 23.07 -21.92
C LEU B 348 3.59 23.93 -23.16
N ASP B 349 3.88 23.35 -24.32
CA ASP B 349 3.70 23.98 -25.62
C ASP B 349 2.24 24.26 -25.94
N VAL B 350 1.34 23.52 -25.27
CA VAL B 350 -0.08 23.69 -25.47
C VAL B 350 -0.49 25.09 -25.03
N LEU B 351 0.30 25.73 -24.17
CA LEU B 351 0.00 27.09 -23.70
C LEU B 351 0.73 28.19 -24.51
N ASP B 352 1.42 27.79 -25.58
CA ASP B 352 2.21 28.70 -26.40
C ASP B 352 1.42 29.86 -27.00
N GLY B 353 0.11 29.69 -27.21
CA GLY B 353 -0.69 30.70 -27.91
C GLY B 353 -1.52 31.59 -27.00
N PHE B 354 -1.40 31.35 -25.70
CA PHE B 354 -2.16 32.06 -24.67
C PHE B 354 -1.51 33.39 -24.29
N GLU B 355 -2.27 34.49 -24.36
CA GLU B 355 -1.79 35.80 -23.92
C GLU B 355 -1.72 35.85 -22.39
N GLU B 356 -2.75 35.28 -21.76
CA GLU B 356 -2.80 35.20 -20.31
C GLU B 356 -3.07 33.73 -19.90
N ILE B 357 -2.52 33.34 -18.77
CA ILE B 357 -2.72 31.97 -18.26
C ILE B 357 -3.12 32.04 -16.80
N LYS B 358 -4.27 31.49 -16.43
CA LYS B 358 -4.68 31.47 -15.03
C LYS B 358 -4.22 30.17 -14.36
N VAL B 359 -3.92 30.23 -13.06
CA VAL B 359 -3.51 29.06 -12.28
C VAL B 359 -4.24 29.07 -10.95
N ALA B 360 -5.01 28.04 -10.67
CA ALA B 360 -5.73 27.99 -9.41
C ALA B 360 -4.74 27.85 -8.25
N THR B 361 -4.86 28.74 -7.27
CA THR B 361 -3.92 28.75 -6.15
C THR B 361 -4.61 28.56 -4.79
N GLY B 362 -5.94 28.52 -4.79
CA GLY B 362 -6.70 28.39 -3.57
C GLY B 362 -8.17 28.09 -3.76
N TYR B 363 -8.76 27.44 -2.76
CA TYR B 363 -10.18 27.15 -2.70
C TYR B 363 -10.80 27.86 -1.50
N LYS B 364 -11.94 28.51 -1.70
CA LYS B 364 -12.68 29.03 -0.56
C LYS B 364 -14.14 28.57 -0.59
N ILE B 365 -14.69 28.32 0.60
CA ILE B 365 -16.11 28.05 0.76
C ILE B 365 -16.72 29.06 1.71
N ASP B 366 -17.63 29.85 1.20
CA ASP B 366 -18.30 30.86 1.99
C ASP B 366 -17.28 31.82 2.56
N GLY B 367 -16.26 32.14 1.76
CA GLY B 367 -15.30 33.16 2.11
C GLY B 367 -14.07 32.72 2.88
N VAL B 368 -14.05 31.48 3.36
CA VAL B 368 -12.94 31.03 4.18
C VAL B 368 -12.04 30.03 3.45
N GLU B 369 -10.73 30.24 3.58
CA GLU B 369 -9.74 29.38 2.96
C GLU B 369 -10.01 27.92 3.33
N VAL B 370 -9.98 27.04 2.34
CA VAL B 370 -10.16 25.60 2.56
C VAL B 370 -8.81 24.90 2.63
N GLU B 371 -8.57 24.19 3.73
CA GLU B 371 -7.33 23.39 3.84
C GLU B 371 -7.40 22.07 3.09
N GLY B 372 -6.29 21.69 2.45
CA GLY B 372 -6.18 20.40 1.79
C GLY B 372 -7.19 20.23 0.68
N PHE B 373 -7.55 18.98 0.39
CA PHE B 373 -8.55 18.67 -0.63
C PHE B 373 -9.71 17.93 0.02
N PRO B 374 -10.95 18.36 -0.26
CA PRO B 374 -12.13 17.83 0.45
C PRO B 374 -12.57 16.46 -0.06
N ALA B 375 -12.81 15.54 0.87
CA ALA B 375 -13.34 14.21 0.53
C ALA B 375 -14.79 14.28 0.07
N ASP B 376 -15.56 15.20 0.65
CA ASP B 376 -16.96 15.34 0.28
C ASP B 376 -17.08 16.10 -1.05
N LEU B 377 -17.74 15.47 -2.02
CA LEU B 377 -17.78 16.03 -3.36
C LEU B 377 -18.77 17.19 -3.48
N ASP B 378 -19.79 17.23 -2.62
CA ASP B 378 -20.74 18.36 -2.63
C ASP B 378 -20.03 19.63 -2.14
N ARG B 379 -19.17 19.46 -1.14
CA ARG B 379 -18.30 20.53 -0.67
C ARG B 379 -17.30 20.97 -1.76
N LEU B 380 -16.71 20.00 -2.44
CA LEU B 380 -15.83 20.28 -3.58
C LEU B 380 -16.56 21.06 -4.67
N ALA B 381 -17.83 20.73 -4.87
CA ALA B 381 -18.64 21.38 -5.89
C ALA B 381 -18.89 22.87 -5.57
N LYS B 382 -18.89 23.21 -4.27
CA LYS B 382 -19.17 24.56 -3.80
C LYS B 382 -17.95 25.46 -3.80
N VAL B 383 -16.80 24.89 -4.12
CA VAL B 383 -15.56 25.63 -4.08
C VAL B 383 -15.59 26.91 -4.95
N GLU B 384 -15.08 27.99 -4.40
CA GLU B 384 -14.75 29.16 -5.21
C GLU B 384 -13.25 29.25 -5.45
N VAL B 385 -12.84 29.24 -6.71
CA VAL B 385 -11.43 29.06 -7.05
C VAL B 385 -10.70 30.42 -7.04
N GLN B 386 -9.57 30.47 -6.34
CA GLN B 386 -8.70 31.63 -6.35
C GLN B 386 -7.62 31.44 -7.40
N TYR B 387 -7.56 32.39 -8.34
CA TYR B 387 -6.61 32.29 -9.45
C TYR B 387 -5.49 33.31 -9.40
N ALA B 388 -4.31 32.86 -9.81
CA ALA B 388 -3.26 33.77 -10.21
C ALA B 388 -3.33 33.84 -11.73
N THR B 389 -3.02 35.01 -12.28
CA THR B 389 -2.97 35.22 -13.72
C THR B 389 -1.55 35.54 -14.14
N LEU B 390 -1.02 34.76 -15.07
CA LEU B 390 0.38 34.88 -15.49
C LEU B 390 0.44 35.24 -16.97
N PRO B 391 1.38 36.11 -17.36
CA PRO B 391 1.53 36.47 -18.77
C PRO B 391 2.07 35.27 -19.58
N GLY B 392 1.54 35.10 -20.77
CA GLY B 392 1.99 34.02 -21.66
C GLY B 392 3.34 34.36 -22.25
N TRP B 393 3.87 33.47 -23.08
CA TRP B 393 5.11 33.74 -23.75
C TRP B 393 4.88 33.93 -25.25
N LYS B 394 3.70 33.51 -25.71
CA LYS B 394 3.25 33.71 -27.10
C LYS B 394 4.33 33.38 -28.11
N THR B 395 4.93 32.21 -27.96
CA THR B 395 5.99 31.77 -28.85
C THR B 395 6.13 30.25 -28.84
N ASP B 396 6.70 29.73 -29.92
CA ASP B 396 6.81 28.30 -30.12
C ASP B 396 8.01 27.78 -29.33
N ILE B 397 7.73 27.04 -28.27
CA ILE B 397 8.80 26.45 -27.45
C ILE B 397 9.04 24.99 -27.82
N SER B 398 8.37 24.51 -28.88
CA SER B 398 8.39 23.09 -29.20
C SER B 398 9.78 22.62 -29.57
N ASN B 399 10.64 23.56 -29.92
CA ASN B 399 11.99 23.19 -30.31
C ASN B 399 13.06 23.60 -29.30
N CYS B 400 12.64 24.07 -28.14
CA CYS B 400 13.59 24.32 -27.07
C CYS B 400 14.24 22.98 -26.66
N LYS B 401 15.53 23.05 -26.33
CA LYS B 401 16.29 21.85 -25.96
C LYS B 401 17.11 22.02 -24.68
N THR B 402 17.23 23.25 -24.19
CA THR B 402 17.79 23.52 -22.87
C THR B 402 16.88 24.48 -22.14
N TYR B 403 17.00 24.52 -20.82
CA TYR B 403 16.19 25.43 -20.01
C TYR B 403 16.39 26.87 -20.46
N GLU B 404 17.60 27.19 -20.93
CA GLU B 404 18.00 28.56 -21.25
C GLU B 404 17.33 29.11 -22.53
N GLU B 405 16.83 28.21 -23.36
CA GLU B 405 16.15 28.59 -24.60
C GLU B 405 14.67 28.94 -24.33
N PHE B 406 14.18 28.59 -23.15
CA PHE B 406 12.81 28.94 -22.78
C PHE B 406 12.64 30.46 -22.74
N PRO B 407 11.47 30.93 -23.18
CA PRO B 407 11.09 32.34 -23.02
C PRO B 407 11.00 32.66 -21.53
N GLU B 408 11.19 33.93 -21.18
CA GLU B 408 11.24 34.36 -19.79
C GLU B 408 9.97 34.03 -19.01
N ASN B 409 8.82 34.07 -19.69
CA ASN B 409 7.54 33.85 -19.02
C ASN B 409 7.18 32.39 -18.92
N ALA B 410 7.84 31.56 -19.74
CA ALA B 410 7.79 30.11 -19.61
C ALA B 410 8.61 29.66 -18.41
N LYS B 411 9.78 30.26 -18.24
CA LYS B 411 10.59 30.03 -17.05
C LYS B 411 9.82 30.42 -15.78
N ALA B 412 9.17 31.59 -15.84
CA ALA B 412 8.42 32.16 -14.72
C ALA B 412 7.30 31.22 -14.32
N TYR B 413 6.65 30.66 -15.33
CA TYR B 413 5.58 29.69 -15.16
C TYR B 413 6.09 28.43 -14.42
N ILE B 414 7.24 27.93 -14.85
CA ILE B 414 7.87 26.78 -14.21
C ILE B 414 8.25 27.13 -12.78
N LYS B 415 8.81 28.32 -12.61
CA LYS B 415 9.26 28.75 -11.29
C LYS B 415 8.07 28.96 -10.32
N PHE B 416 6.95 29.43 -10.84
CA PHE B 416 5.73 29.64 -10.05
C PHE B 416 5.20 28.31 -9.49
N ILE B 417 5.14 27.32 -10.36
CA ILE B 417 4.79 25.98 -9.97
C ILE B 417 5.74 25.43 -8.90
N GLU B 418 7.05 25.56 -9.13
CA GLU B 418 8.06 25.09 -8.18
C GLU B 418 7.90 25.73 -6.82
N ASP B 419 7.84 27.05 -6.82
CA ASP B 419 7.78 27.84 -5.60
C ASP B 419 6.49 27.58 -4.84
N TYR B 420 5.41 27.36 -5.57
CA TYR B 420 4.15 27.09 -4.89
C TYR B 420 4.21 25.74 -4.20
N LEU B 421 4.66 24.71 -4.92
CA LEU B 421 4.62 23.35 -4.42
C LEU B 421 5.81 22.94 -3.52
N GLY B 422 6.94 23.62 -3.66
CA GLY B 422 8.13 23.30 -2.90
C GLY B 422 8.79 22.06 -3.49
N VAL B 423 8.51 21.80 -4.77
CA VAL B 423 9.13 20.67 -5.47
C VAL B 423 9.68 21.17 -6.81
N LYS B 424 10.94 20.84 -7.09
CA LYS B 424 11.60 21.28 -8.29
C LYS B 424 11.09 20.53 -9.52
N VAL B 425 11.00 21.26 -10.62
CA VAL B 425 10.60 20.72 -11.92
C VAL B 425 11.85 20.22 -12.61
N GLN B 426 11.89 18.94 -12.99
CA GLN B 426 13.13 18.39 -13.52
C GLN B 426 13.06 18.15 -15.03
N TYR B 427 11.88 17.78 -15.52
CA TYR B 427 11.72 17.51 -16.94
C TYR B 427 10.55 18.34 -17.51
N VAL B 428 10.71 18.83 -18.73
CA VAL B 428 9.64 19.62 -19.39
C VAL B 428 9.33 19.06 -20.77
N GLY B 429 8.10 18.59 -20.97
CA GLY B 429 7.68 18.13 -22.28
C GLY B 429 7.14 19.31 -23.07
N VAL B 430 7.66 19.52 -24.28
CA VAL B 430 7.36 20.72 -25.05
C VAL B 430 6.87 20.40 -26.46
N GLY B 431 6.47 19.16 -26.68
CA GLY B 431 5.96 18.75 -27.97
C GLY B 431 5.57 17.28 -27.96
N PRO B 432 4.91 16.82 -29.03
CA PRO B 432 4.44 15.43 -29.09
C PRO B 432 5.57 14.43 -29.30
N GLY B 433 6.65 14.84 -29.96
CA GLY B 433 7.75 13.94 -30.27
C GLY B 433 8.55 13.44 -29.07
N ARG B 434 9.18 12.26 -29.25
CA ARG B 434 10.01 11.62 -28.22
C ARG B 434 11.18 12.52 -27.81
N ASP B 435 11.77 13.19 -28.79
CA ASP B 435 12.95 14.03 -28.60
C ASP B 435 12.64 15.41 -27.97
N GLN B 436 11.36 15.77 -27.91
CA GLN B 436 10.95 17.13 -27.55
C GLN B 436 10.78 17.30 -26.04
N ASN B 437 11.92 17.27 -25.34
CA ASN B 437 11.99 17.44 -23.90
C ASN B 437 13.16 18.27 -23.45
N VAL B 438 13.01 18.82 -22.25
CA VAL B 438 14.10 19.55 -21.63
C VAL B 438 14.38 18.91 -20.27
N ILE B 439 15.61 18.48 -20.06
CA ILE B 439 16.04 18.01 -18.77
C ILE B 439 16.71 19.18 -18.07
N ILE B 440 16.15 19.60 -16.94
CA ILE B 440 16.68 20.78 -16.27
C ILE B 440 17.88 20.44 -15.37
N PHE B 441 17.89 19.29 -14.71
CA PHE B 441 19.06 18.90 -13.91
C PHE B 441 19.28 17.39 -13.72
#